data_5TWK
#
_entry.id   5TWK
#
_cell.length_a   66.370
_cell.length_b   37.950
_cell.length_c   121.820
_cell.angle_alpha   90.00
_cell.angle_beta   105.74
_cell.angle_gamma   90.00
#
_symmetry.space_group_name_H-M   'P 1 21 1'
#
loop_
_entity.id
_entity.type
_entity.pdbx_description
1 polymer 'Ribosomal RNA large subunit methyltransferase H'
2 non-polymer SINEFUNGIN
3 water water
#
_entity_poly.entity_id   1
_entity_poly.type   'polypeptide(L)'
_entity_poly.pdbx_seq_one_letter_code
;MHHHHHHVKLQLVAVGTKMPDWVQTGFTEYLRRFPKDMPFELIEIPAGKRGKNADIKRILDKEGEQMLAAAGKNRIVTLD
IPGKPWDTPQLAAELERWKLDGRDVSLLIGGPEGLSPACKAAAEQSWSLSALTLPHPLVRVLVAESLYRAWSITTNHPYH
RE
;
_entity_poly.pdbx_strand_id   C,D,A,B
#
loop_
_chem_comp.id
_chem_comp.type
_chem_comp.name
_chem_comp.formula
SFG non-polymer SINEFUNGIN 'C15 H23 N7 O5'
#
# COMPACT_ATOMS: atom_id res chain seq x y z
N HIS A 6 19.66 -10.31 42.31
CA HIS A 6 19.70 -11.33 41.30
C HIS A 6 18.49 -11.25 40.33
N HIS A 7 18.36 -10.10 39.69
CA HIS A 7 17.38 -9.87 38.66
C HIS A 7 17.86 -10.50 37.37
N VAL A 8 16.93 -10.86 36.50
CA VAL A 8 17.25 -11.46 35.22
C VAL A 8 16.72 -10.64 34.05
N LYS A 9 17.58 -10.42 33.06
CA LYS A 9 17.24 -9.56 31.93
C LYS A 9 16.71 -10.27 30.72
N LEU A 10 15.66 -9.70 30.14
CA LEU A 10 15.16 -10.21 28.87
C LEU A 10 15.46 -9.22 27.75
N GLN A 11 16.43 -9.56 26.90
CA GLN A 11 16.82 -8.65 25.83
C GLN A 11 16.29 -9.05 24.47
N LEU A 12 15.41 -8.21 23.93
CA LEU A 12 14.91 -8.43 22.60
C LEU A 12 15.94 -7.91 21.61
N VAL A 13 16.65 -8.83 20.95
CA VAL A 13 17.63 -8.43 19.93
C VAL A 13 16.97 -8.49 18.55
N ALA A 14 16.57 -7.32 18.05
CA ALA A 14 15.81 -7.26 16.81
C ALA A 14 16.57 -6.51 15.73
N VAL A 15 16.52 -7.02 14.50
CA VAL A 15 17.08 -6.28 13.39
C VAL A 15 16.33 -4.95 13.32
N GLY A 16 17.08 -3.86 13.35
CA GLY A 16 16.53 -2.53 13.45
C GLY A 16 15.56 -2.24 12.33
N THR A 17 14.41 -1.72 12.68
CA THR A 17 13.34 -1.47 11.73
C THR A 17 12.55 -0.23 12.15
N LYS A 18 11.77 0.29 11.22
CA LYS A 18 10.85 1.38 11.53
C LYS A 18 9.57 0.83 12.13
N MET A 19 9.17 1.38 13.29
CA MET A 19 7.92 0.96 13.93
C MET A 19 6.84 2.01 13.76
N PRO A 20 5.64 1.59 13.30
CA PRO A 20 4.50 2.50 13.30
C PRO A 20 4.21 2.98 14.71
N ASP A 21 3.64 4.17 14.87
CA ASP A 21 3.47 4.76 16.19
C ASP A 21 2.57 3.93 17.10
N TRP A 22 1.51 3.35 16.54
CA TRP A 22 0.56 2.59 17.35
C TRP A 22 1.19 1.30 17.86
N VAL A 23 2.07 0.72 17.05
CA VAL A 23 2.84 -0.46 17.45
C VAL A 23 3.83 -0.10 18.54
N GLN A 24 4.45 1.07 18.41
CA GLN A 24 5.43 1.54 19.39
C GLN A 24 4.77 1.80 20.74
N THR A 25 3.55 2.31 20.70
CA THR A 25 2.78 2.54 21.92
C THR A 25 2.45 1.24 22.62
N GLY A 26 1.92 0.29 21.86
CA GLY A 26 1.54 -1.00 22.40
C GLY A 26 2.74 -1.68 23.02
N PHE A 27 3.84 -1.70 22.28
CA PHE A 27 5.07 -2.32 22.72
C PHE A 27 5.59 -1.72 24.02
N THR A 28 5.57 -0.39 24.12
CA THR A 28 6.02 0.28 25.35
C THR A 28 5.05 0.03 26.52
N GLU A 29 3.76 -0.05 26.23
CA GLU A 29 2.77 -0.31 27.28
C GLU A 29 3.08 -1.59 28.05
N TYR A 30 3.38 -2.65 27.32
CA TYR A 30 3.71 -3.91 27.97
C TYR A 30 5.07 -3.83 28.63
N LEU A 31 6.04 -3.35 27.87
CA LEU A 31 7.41 -3.20 28.34
C LEU A 31 7.47 -2.45 29.66
N ARG A 32 6.65 -1.41 29.81
CA ARG A 32 6.67 -0.56 31.01
C ARG A 32 6.19 -1.28 32.26
N ARG A 33 5.43 -2.36 32.07
CA ARG A 33 4.78 -3.05 33.18
C ARG A 33 5.60 -4.20 33.75
N PHE A 34 6.71 -4.54 33.09
CA PHE A 34 7.65 -5.52 33.63
C PHE A 34 8.29 -5.01 34.92
N PRO A 35 8.43 -5.89 35.92
CA PRO A 35 8.99 -5.46 37.21
C PRO A 35 10.49 -5.19 37.12
N LYS A 36 11.05 -4.51 38.10
CA LYS A 36 12.50 -4.35 38.16
C LYS A 36 13.17 -5.72 38.34
N ASP A 37 12.39 -6.67 38.86
CA ASP A 37 12.84 -8.04 39.08
C ASP A 37 13.24 -8.75 37.79
N MET A 38 12.64 -8.34 36.68
CA MET A 38 12.87 -9.00 35.40
C MET A 38 12.60 -8.03 34.24
N PRO A 39 13.60 -7.17 33.95
CA PRO A 39 13.48 -6.10 32.95
C PRO A 39 13.35 -6.60 31.52
N PHE A 40 12.56 -5.89 30.74
CA PHE A 40 12.37 -6.18 29.33
C PHE A 40 13.08 -5.09 28.51
N GLU A 41 13.97 -5.49 27.61
CA GLU A 41 14.84 -4.53 26.95
C GLU A 41 14.91 -4.72 25.43
N LEU A 42 15.00 -3.60 24.72
CA LEU A 42 15.07 -3.61 23.26
C LEU A 42 16.47 -3.20 22.79
N ILE A 43 17.03 -3.97 21.86
CA ILE A 43 18.33 -3.65 21.28
C ILE A 43 18.29 -3.86 19.76
N GLU A 44 18.07 -2.77 19.03
CA GLU A 44 17.97 -2.84 17.58
C GLU A 44 19.33 -3.01 16.92
N ILE A 45 19.38 -3.86 15.90
CA ILE A 45 20.55 -4.04 15.06
C ILE A 45 20.25 -3.46 13.68
N PRO A 46 21.04 -2.47 13.23
CA PRO A 46 20.77 -1.81 11.95
C PRO A 46 20.63 -2.78 10.77
N ALA A 47 19.51 -2.69 10.05
CA ALA A 47 19.28 -3.57 8.90
C ALA A 47 20.14 -3.16 7.70
N GLY A 48 20.70 -4.14 7.01
CA GLY A 48 21.48 -3.88 5.82
C GLY A 48 20.60 -3.44 4.66
N LYS A 49 21.15 -2.60 3.78
CA LYS A 49 20.38 -2.11 2.62
C LYS A 49 20.45 -3.12 1.47
N ARG A 50 19.32 -3.31 0.77
CA ARG A 50 19.26 -4.26 -0.33
C ARG A 50 19.53 -3.57 -1.68
N GLY A 51 20.80 -3.22 -1.92
CA GLY A 51 21.19 -2.53 -3.14
C GLY A 51 20.99 -3.35 -4.40
N LYS A 52 21.24 -2.76 -5.56
CA LYS A 52 21.15 -3.52 -6.80
C LYS A 52 22.31 -4.51 -6.86
N ASN A 53 22.01 -5.71 -7.29
CA ASN A 53 23.01 -6.72 -7.47
C ASN A 53 23.57 -7.23 -6.15
N ALA A 54 22.97 -6.84 -5.05
CA ALA A 54 23.40 -7.25 -3.73
C ALA A 54 23.28 -8.75 -3.50
N ASP A 55 24.26 -9.35 -2.83
CA ASP A 55 24.19 -10.76 -2.55
C ASP A 55 23.45 -10.85 -1.26
N ILE A 56 22.27 -11.42 -1.29
CA ILE A 56 21.42 -11.48 -0.13
C ILE A 56 22.03 -12.26 1.03
N LYS A 57 22.69 -13.37 0.73
CA LYS A 57 23.31 -14.19 1.74
C LYS A 57 24.36 -13.43 2.48
N ARG A 58 25.19 -12.71 1.79
CA ARG A 58 26.19 -11.93 2.47
C ARG A 58 25.53 -10.84 3.32
N ILE A 59 24.46 -10.26 2.83
CA ILE A 59 23.83 -9.21 3.59
C ILE A 59 23.36 -9.76 4.90
N LEU A 60 22.77 -10.93 4.83
CA LEU A 60 22.20 -11.59 5.97
C LEU A 60 23.25 -11.91 7.05
N ASP A 61 24.40 -12.40 6.65
CA ASP A 61 25.43 -12.79 7.57
C ASP A 61 25.84 -11.58 8.35
N LYS A 62 25.96 -10.46 7.69
CA LYS A 62 26.36 -9.28 8.37
C LYS A 62 25.33 -8.87 9.39
N GLU A 63 24.07 -9.07 9.08
CA GLU A 63 23.05 -8.76 10.03
C GLU A 63 23.17 -9.66 11.25
N GLY A 64 23.35 -10.94 11.01
CA GLY A 64 23.46 -11.86 12.11
C GLY A 64 24.65 -11.68 13.03
N GLU A 65 25.82 -11.44 12.47
CA GLU A 65 27.00 -11.38 13.26
C GLU A 65 26.78 -10.35 14.26
N GLN A 66 26.16 -9.28 13.85
CA GLN A 66 25.89 -8.23 14.79
C GLN A 66 24.92 -8.66 15.86
N MET A 67 23.94 -9.47 15.50
CA MET A 67 22.97 -9.90 16.50
C MET A 67 23.70 -10.68 17.57
N LEU A 68 24.54 -11.61 17.17
CA LEU A 68 25.29 -12.47 18.08
C LEU A 68 26.24 -11.69 18.93
N ALA A 69 26.80 -10.65 18.37
CA ALA A 69 27.66 -9.82 19.13
C ALA A 69 26.83 -9.20 20.24
N ALA A 70 25.59 -8.90 19.95
CA ALA A 70 24.73 -8.27 20.94
C ALA A 70 24.29 -9.27 22.00
N ALA A 71 24.02 -10.49 21.56
CA ALA A 71 23.63 -11.56 22.46
C ALA A 71 24.75 -11.86 23.46
N GLY A 72 25.99 -11.89 22.97
CA GLY A 72 27.14 -12.17 23.81
C GLY A 72 27.07 -13.55 24.43
N LYS A 73 27.32 -13.62 25.74
CA LYS A 73 27.33 -14.89 26.46
C LYS A 73 25.92 -15.37 26.84
N ASN A 74 24.92 -14.53 26.59
CA ASN A 74 23.53 -14.83 26.98
C ASN A 74 22.96 -16.13 26.43
N ARG A 75 21.93 -16.63 27.10
CA ARG A 75 21.11 -17.69 26.52
C ARG A 75 20.42 -17.13 25.27
N ILE A 76 20.60 -17.81 24.15
CA ILE A 76 20.08 -17.34 22.87
C ILE A 76 18.80 -18.08 22.49
N VAL A 77 17.70 -17.34 22.47
CA VAL A 77 16.41 -17.85 22.02
C VAL A 77 15.97 -17.13 20.75
N THR A 78 15.82 -17.85 19.65
CA THR A 78 15.33 -17.23 18.42
C THR A 78 13.81 -17.23 18.35
N LEU A 79 13.25 -16.16 17.78
CA LEU A 79 11.87 -16.16 17.35
C LEU A 79 11.91 -16.63 15.91
N ASP A 80 11.23 -17.74 15.65
CA ASP A 80 11.28 -18.34 14.33
C ASP A 80 9.99 -19.13 14.11
N ILE A 81 9.35 -18.95 12.96
CA ILE A 81 8.14 -19.69 12.62
C ILE A 81 8.29 -21.23 12.80
N PRO A 82 9.43 -21.80 12.38
CA PRO A 82 9.54 -23.25 12.61
C PRO A 82 9.96 -23.66 14.02
N GLY A 83 10.08 -22.73 14.96
CA GLY A 83 10.48 -23.08 16.32
C GLY A 83 9.40 -23.78 17.12
N LYS A 84 9.64 -23.96 18.42
CA LYS A 84 8.68 -24.60 19.31
C LYS A 84 7.47 -23.71 19.58
N PRO A 85 6.26 -24.22 19.28
CA PRO A 85 5.01 -23.49 19.50
C PRO A 85 4.57 -23.58 20.95
N TRP A 86 5.34 -22.98 21.85
CA TRP A 86 4.97 -22.96 23.27
C TRP A 86 3.57 -22.39 23.50
N ASP A 87 2.75 -23.05 24.33
CA ASP A 87 1.54 -22.39 24.81
C ASP A 87 1.90 -21.51 26.01
N THR A 88 0.92 -20.81 26.55
CA THR A 88 1.18 -19.87 27.63
C THR A 88 1.66 -20.59 28.93
N PRO A 89 1.01 -21.71 29.32
CA PRO A 89 1.61 -22.45 30.45
C PRO A 89 3.09 -22.83 30.25
N GLN A 90 3.43 -23.36 29.07
CA GLN A 90 4.80 -23.76 28.82
C GLN A 90 5.74 -22.55 28.84
N LEU A 91 5.27 -21.43 28.29
CA LEU A 91 6.05 -20.20 28.30
C LEU A 91 6.39 -19.75 29.73
N ALA A 92 5.43 -19.87 30.65
CA ALA A 92 5.69 -19.58 32.06
C ALA A 92 6.73 -20.54 32.63
N ALA A 93 6.67 -21.80 32.21
CA ALA A 93 7.64 -22.80 32.65
C ALA A 93 9.02 -22.48 32.07
N GLU A 94 9.07 -21.95 30.85
CA GLU A 94 10.34 -21.55 30.24
C GLU A 94 10.93 -20.39 31.01
N LEU A 95 10.06 -19.48 31.40
CA LEU A 95 10.46 -18.31 32.14
C LEU A 95 11.12 -18.72 33.43
N GLU A 96 10.58 -19.77 34.04
CA GLU A 96 11.12 -20.27 35.29
C GLU A 96 12.49 -20.91 35.08
N ARG A 97 12.62 -21.67 34.00
CA ARG A 97 13.90 -22.27 33.62
C ARG A 97 14.95 -21.18 33.38
N TRP A 98 14.58 -20.12 32.67
CA TRP A 98 15.52 -19.04 32.38
C TRP A 98 16.04 -18.38 33.66
N LYS A 99 15.14 -18.23 34.64
CA LYS A 99 15.50 -17.70 35.95
C LYS A 99 16.48 -18.60 36.71
N LEU A 100 16.20 -19.91 36.74
CA LEU A 100 17.10 -20.88 37.36
C LEU A 100 18.47 -20.80 36.72
N ASP A 101 18.49 -20.61 35.40
CA ASP A 101 19.71 -20.38 34.68
C ASP A 101 20.36 -19.10 35.22
N GLY A 102 19.50 -18.10 35.44
CA GLY A 102 19.94 -16.78 35.90
C GLY A 102 20.47 -15.95 34.75
N ARG A 103 21.09 -16.64 33.79
CA ARG A 103 21.71 -16.02 32.63
C ARG A 103 20.71 -15.16 31.89
N ASP A 104 21.17 -14.01 31.42
CA ASP A 104 20.31 -13.14 30.62
C ASP A 104 19.89 -13.86 29.36
N VAL A 105 18.70 -13.56 28.88
CA VAL A 105 18.19 -14.14 27.65
C VAL A 105 18.20 -13.12 26.54
N SER A 106 18.79 -13.49 25.40
CA SER A 106 18.65 -12.69 24.19
C SER A 106 17.59 -13.31 23.27
N LEU A 107 16.53 -12.55 23.01
CA LEU A 107 15.45 -13.01 22.15
C LEU A 107 15.58 -12.39 20.77
N LEU A 108 15.92 -13.22 19.77
CA LEU A 108 16.31 -12.70 18.47
C LEU A 108 15.15 -12.64 17.50
N ILE A 109 14.98 -11.47 16.89
CA ILE A 109 13.98 -11.27 15.84
C ILE A 109 14.65 -10.88 14.53
N GLY A 110 14.39 -11.66 13.47
CA GLY A 110 15.06 -11.44 12.19
C GLY A 110 14.59 -10.25 11.36
N GLY A 111 15.41 -9.84 10.41
CA GLY A 111 15.06 -8.76 9.50
C GLY A 111 14.12 -9.21 8.40
N PRO A 112 13.87 -8.35 7.41
CA PRO A 112 12.97 -8.69 6.29
C PRO A 112 13.27 -10.05 5.64
N GLU A 113 14.55 -10.41 5.56
CA GLU A 113 14.92 -11.70 5.00
C GLU A 113 14.97 -12.83 6.05
N GLY A 114 14.57 -12.54 7.28
CA GLY A 114 14.64 -13.52 8.36
C GLY A 114 15.99 -13.62 9.05
N LEU A 115 16.15 -14.60 9.94
CA LEU A 115 17.39 -14.80 10.70
C LEU A 115 18.53 -15.34 9.86
N SER A 116 19.76 -14.95 10.20
CA SER A 116 20.95 -15.48 9.54
C SER A 116 21.17 -16.93 9.97
N PRO A 117 21.74 -17.75 9.08
CA PRO A 117 21.98 -19.15 9.42
C PRO A 117 22.79 -19.28 10.69
N ALA A 118 23.73 -18.35 10.91
CA ALA A 118 24.54 -18.33 12.12
C ALA A 118 23.69 -18.11 13.37
N CYS A 119 22.69 -17.25 13.27
CA CYS A 119 21.79 -16.98 14.38
C CYS A 119 20.94 -18.21 14.69
N LYS A 120 20.43 -18.85 13.64
CA LYS A 120 19.62 -20.06 13.80
C LYS A 120 20.44 -21.19 14.44
N ALA A 121 21.71 -21.25 14.09
CA ALA A 121 22.61 -22.28 14.61
C ALA A 121 23.02 -21.98 16.05
N ALA A 122 23.14 -20.70 16.37
CA ALA A 122 23.58 -20.27 17.70
C ALA A 122 22.50 -20.50 18.77
N ALA A 123 21.27 -20.76 18.31
CA ALA A 123 20.12 -20.88 19.20
C ALA A 123 20.17 -22.09 20.13
N GLU A 124 20.05 -21.83 21.43
CA GLU A 124 19.82 -22.89 22.42
C GLU A 124 18.37 -23.38 22.38
N GLN A 125 17.47 -22.46 22.03
CA GLN A 125 16.03 -22.73 21.93
C GLN A 125 15.44 -21.87 20.82
N SER A 126 14.42 -22.39 20.16
CA SER A 126 13.71 -21.62 19.16
C SER A 126 12.22 -21.60 19.49
N TRP A 127 11.61 -20.46 19.28
CA TRP A 127 10.24 -20.19 19.75
C TRP A 127 9.37 -19.69 18.61
N SER A 128 8.31 -20.44 18.33
CA SER A 128 7.33 -20.08 17.29
C SER A 128 6.09 -19.44 17.91
N LEU A 129 5.74 -18.25 17.43
CA LEU A 129 4.55 -17.54 17.91
C LEU A 129 3.28 -18.04 17.19
N SER A 130 3.49 -18.60 16.01
CA SER A 130 2.40 -18.82 15.07
C SER A 130 2.93 -19.59 13.87
N ALA A 131 2.05 -20.31 13.21
CA ALA A 131 2.40 -20.85 11.90
C ALA A 131 2.46 -19.71 10.88
N LEU A 132 1.83 -18.59 11.21
CA LEU A 132 1.74 -17.49 10.27
C LEU A 132 3.04 -16.71 10.15
N THR A 133 3.25 -16.11 8.99
CA THR A 133 4.36 -15.19 8.77
C THR A 133 3.97 -13.83 9.28
N LEU A 134 4.50 -13.46 10.45
CA LEU A 134 4.14 -12.18 11.11
C LEU A 134 5.07 -11.02 10.73
N PRO A 135 4.52 -9.81 10.61
CA PRO A 135 5.38 -8.66 10.32
C PRO A 135 6.23 -8.33 11.53
N HIS A 136 7.45 -7.86 11.30
CA HIS A 136 8.39 -7.62 12.39
C HIS A 136 7.80 -6.84 13.60
N PRO A 137 7.05 -5.73 13.35
CA PRO A 137 6.58 -4.97 14.53
C PRO A 137 5.58 -5.71 15.42
N LEU A 138 4.68 -6.50 14.83
CA LEU A 138 3.76 -7.31 15.62
C LEU A 138 4.51 -8.39 16.42
N VAL A 139 5.58 -8.94 15.84
CA VAL A 139 6.36 -9.94 16.55
C VAL A 139 6.86 -9.31 17.85
N ARG A 140 7.28 -8.04 17.78
CA ARG A 140 7.76 -7.37 18.99
C ARG A 140 6.66 -7.27 20.06
N VAL A 141 5.47 -6.87 19.64
CA VAL A 141 4.36 -6.66 20.58
C VAL A 141 3.89 -7.98 21.18
N LEU A 142 3.87 -9.02 20.34
CA LEU A 142 3.46 -10.35 20.81
C LEU A 142 4.44 -10.89 21.86
N VAL A 143 5.73 -10.71 21.63
CA VAL A 143 6.73 -11.21 22.55
C VAL A 143 6.58 -10.49 23.88
N ALA A 144 6.44 -9.18 23.82
CA ALA A 144 6.27 -8.39 25.03
C ALA A 144 5.02 -8.81 25.80
N GLU A 145 3.89 -9.01 25.12
CA GLU A 145 2.65 -9.34 25.82
C GLU A 145 2.66 -10.78 26.35
N SER A 146 3.23 -11.69 25.59
CA SER A 146 3.15 -13.09 25.96
C SER A 146 4.09 -13.36 27.12
N LEU A 147 5.28 -12.75 27.08
CA LEU A 147 6.21 -12.84 28.20
C LEU A 147 5.60 -12.19 29.43
N TYR A 148 4.94 -11.06 29.25
CA TYR A 148 4.22 -10.43 30.37
C TYR A 148 3.15 -11.36 30.95
N ARG A 149 2.37 -12.00 30.09
CA ARG A 149 1.34 -12.93 30.56
C ARG A 149 1.95 -14.11 31.29
N ALA A 150 3.07 -14.62 30.78
CA ALA A 150 3.73 -15.75 31.42
C ALA A 150 4.22 -15.34 32.81
N TRP A 151 4.90 -14.20 32.90
CA TRP A 151 5.36 -13.68 34.19
C TRP A 151 4.22 -13.49 35.18
N SER A 152 3.11 -12.97 34.66
CA SER A 152 1.90 -12.71 35.41
C SER A 152 1.41 -13.96 36.11
N ILE A 153 1.40 -15.05 35.36
CA ILE A 153 1.11 -16.37 35.91
C ILE A 153 2.03 -16.70 37.09
N THR A 154 3.34 -16.53 36.88
CA THR A 154 4.31 -16.96 37.89
C THR A 154 4.18 -16.23 39.23
N THR A 155 3.68 -15.00 39.18
CA THR A 155 3.55 -14.20 40.40
C THR A 155 2.10 -14.03 40.84
N ASN A 156 1.20 -14.74 40.19
CA ASN A 156 -0.21 -14.58 40.39
C ASN A 156 -0.69 -13.16 40.26
N HIS A 157 -0.10 -12.43 39.33
CA HIS A 157 -0.54 -11.11 38.99
C HIS A 157 -1.91 -11.24 38.32
N PRO A 158 -2.76 -10.27 38.47
CA PRO A 158 -4.11 -10.33 37.95
C PRO A 158 -4.26 -10.39 36.41
N TYR A 159 -3.29 -9.90 35.66
CA TYR A 159 -3.39 -9.85 34.22
C TYR A 159 -3.80 -11.16 33.58
N HIS A 160 -3.16 -12.22 33.97
CA HIS A 160 -3.39 -13.53 33.39
C HIS A 160 -4.77 -14.04 33.68
N ARG A 161 -5.31 -13.66 34.81
CA ARG A 161 -6.61 -14.13 35.23
C ARG A 161 -7.66 -13.08 35.20
N GLU A 162 -7.26 -11.90 34.79
CA GLU A 162 -8.15 -10.82 34.53
C GLU A 162 -9.55 -11.29 34.74
N HIS B 6 -18.76 -12.74 -6.62
CA HIS B 6 -18.79 -11.35 -7.10
C HIS B 6 -17.99 -10.44 -6.15
N HIS B 7 -18.13 -10.71 -4.86
CA HIS B 7 -17.36 -10.08 -3.80
C HIS B 7 -17.64 -10.87 -2.54
N VAL B 8 -16.70 -10.88 -1.60
CA VAL B 8 -16.82 -11.62 -0.36
C VAL B 8 -16.47 -10.69 0.81
N LYS B 9 -17.44 -10.45 1.69
CA LYS B 9 -17.16 -9.70 2.91
C LYS B 9 -16.49 -10.58 3.93
N LEU B 10 -15.46 -10.06 4.58
CA LEU B 10 -14.83 -10.76 5.67
C LEU B 10 -15.32 -10.07 6.92
N GLN B 11 -16.17 -10.73 7.69
CA GLN B 11 -16.78 -10.03 8.83
C GLN B 11 -16.37 -10.66 10.16
N LEU B 12 -15.73 -9.84 10.98
CA LEU B 12 -15.23 -10.26 12.28
C LEU B 12 -16.35 -10.07 13.28
N VAL B 13 -16.89 -11.17 13.81
CA VAL B 13 -17.95 -11.11 14.81
C VAL B 13 -17.32 -11.31 16.18
N ALA B 14 -17.24 -10.26 16.97
CA ALA B 14 -16.51 -10.31 18.20
C ALA B 14 -17.19 -9.79 19.44
N VAL B 15 -16.88 -10.39 20.58
CA VAL B 15 -17.37 -9.93 21.87
C VAL B 15 -16.46 -8.80 22.36
N GLY B 16 -16.98 -7.90 23.17
CA GLY B 16 -16.16 -6.85 23.75
C GLY B 16 -16.23 -5.59 23.02
N THR B 17 -15.96 -4.55 23.79
CA THR B 17 -16.06 -3.19 23.35
C THR B 17 -14.91 -2.37 23.91
N LYS B 18 -14.76 -1.19 23.36
CA LYS B 18 -13.78 -0.23 23.81
C LYS B 18 -12.33 -0.72 23.96
N MET B 19 -11.71 -1.06 22.84
CA MET B 19 -10.33 -1.48 22.76
C MET B 19 -9.41 -0.32 23.02
N PRO B 20 -8.17 -0.59 23.39
CA PRO B 20 -7.18 0.45 23.61
C PRO B 20 -6.90 1.18 22.32
N ASP B 21 -6.64 2.47 22.40
CA ASP B 21 -6.48 3.24 21.20
C ASP B 21 -5.42 2.77 20.27
N TRP B 22 -4.30 2.35 20.80
CA TRP B 22 -3.23 1.89 19.94
C TRP B 22 -3.72 0.68 19.14
N VAL B 23 -4.55 -0.14 19.76
CA VAL B 23 -5.18 -1.26 19.09
C VAL B 23 -6.21 -0.90 18.04
N GLN B 24 -7.08 0.03 18.37
CA GLN B 24 -8.11 0.47 17.47
C GLN B 24 -7.41 1.08 16.27
N THR B 25 -6.33 1.77 16.52
CA THR B 25 -5.60 2.36 15.45
C THR B 25 -4.97 1.34 14.50
N GLY B 26 -4.32 0.33 15.03
CA GLY B 26 -3.71 -0.64 14.18
C GLY B 26 -4.74 -1.38 13.38
N PHE B 27 -5.80 -1.76 14.03
CA PHE B 27 -6.83 -2.56 13.45
C PHE B 27 -7.43 -1.80 12.29
N THR B 28 -7.70 -0.54 12.52
CA THR B 28 -8.22 0.34 11.49
C THR B 28 -7.24 0.48 10.30
N GLU B 29 -5.95 0.66 10.60
CA GLU B 29 -4.94 0.71 9.54
C GLU B 29 -4.94 -0.50 8.58
N TYR B 30 -5.16 -1.71 9.08
CA TYR B 30 -5.27 -2.84 8.17
C TYR B 30 -6.62 -2.79 7.47
N LEU B 31 -7.67 -2.55 8.27
CA LEU B 31 -9.04 -2.57 7.77
C LEU B 31 -9.23 -1.70 6.53
N ARG B 32 -8.70 -0.48 6.57
CA ARG B 32 -8.92 0.46 5.48
C ARG B 32 -8.12 0.14 4.22
N ARG B 33 -7.30 -0.90 4.24
CA ARG B 33 -6.48 -1.27 3.08
C ARG B 33 -7.07 -2.40 2.24
N PHE B 34 -8.09 -3.07 2.77
CA PHE B 34 -8.81 -4.07 2.03
C PHE B 34 -9.55 -3.42 0.85
N PRO B 35 -9.54 -4.09 -0.31
CA PRO B 35 -10.17 -3.56 -1.53
C PRO B 35 -11.69 -3.61 -1.44
N LYS B 36 -12.37 -2.90 -2.32
CA LYS B 36 -13.82 -2.81 -2.22
C LYS B 36 -14.50 -4.13 -2.57
N ASP B 37 -13.83 -4.97 -3.36
CA ASP B 37 -14.39 -6.28 -3.72
C ASP B 37 -14.12 -7.33 -2.65
N MET B 38 -13.37 -6.96 -1.60
CA MET B 38 -13.24 -7.82 -0.44
C MET B 38 -13.19 -6.99 0.84
N PRO B 39 -14.33 -6.41 1.21
CA PRO B 39 -14.33 -5.54 2.39
C PRO B 39 -14.20 -6.33 3.68
N PHE B 40 -13.53 -5.71 4.65
CA PHE B 40 -13.31 -6.29 5.97
C PHE B 40 -14.11 -5.46 6.96
N GLU B 41 -14.97 -6.10 7.75
CA GLU B 41 -15.79 -5.33 8.67
C GLU B 41 -15.82 -5.95 10.06
N LEU B 42 -16.21 -5.13 11.03
CA LEU B 42 -16.26 -5.55 12.41
C LEU B 42 -17.69 -5.50 12.96
N ILE B 43 -18.16 -6.62 13.48
CA ILE B 43 -19.42 -6.66 14.20
C ILE B 43 -19.13 -7.04 15.65
N GLU B 44 -19.46 -6.14 16.57
CA GLU B 44 -19.25 -6.37 17.99
C GLU B 44 -20.52 -6.88 18.68
N ILE B 45 -20.39 -8.00 19.38
CA ILE B 45 -21.46 -8.58 20.19
C ILE B 45 -21.30 -8.10 21.63
N PRO B 46 -22.39 -7.65 22.27
CA PRO B 46 -22.29 -7.16 23.65
C PRO B 46 -21.76 -8.24 24.58
N ALA B 47 -20.75 -7.90 25.37
CA ALA B 47 -20.25 -8.85 26.35
C ALA B 47 -21.28 -9.01 27.46
N GLY B 48 -21.47 -10.23 27.93
CA GLY B 48 -22.38 -10.50 29.03
C GLY B 48 -21.85 -9.86 30.31
N LYS B 49 -22.75 -9.36 31.12
CA LYS B 49 -22.35 -8.69 32.36
C LYS B 49 -21.81 -9.71 33.36
N ARG B 50 -20.49 -9.72 33.52
CA ARG B 50 -19.85 -10.58 34.51
C ARG B 50 -20.04 -10.01 35.91
N GLY B 51 -19.76 -10.82 36.92
CA GLY B 51 -19.88 -10.36 38.30
C GLY B 51 -19.79 -11.51 39.29
N LYS B 52 -19.97 -11.19 40.57
CA LYS B 52 -20.02 -12.22 41.60
C LYS B 52 -21.32 -13.00 41.44
N ASN B 53 -21.25 -14.31 41.67
CA ASN B 53 -22.41 -15.20 41.58
C ASN B 53 -23.08 -15.21 40.20
N ALA B 54 -22.39 -14.69 39.20
CA ALA B 54 -22.91 -14.72 37.83
C ALA B 54 -22.79 -16.13 37.24
N ASP B 55 -23.78 -16.50 36.43
CA ASP B 55 -23.79 -17.81 35.77
C ASP B 55 -23.02 -17.76 34.45
N ILE B 56 -21.76 -18.14 34.50
CA ILE B 56 -20.89 -18.14 33.33
C ILE B 56 -21.52 -18.84 32.13
N LYS B 57 -22.07 -20.02 32.37
CA LYS B 57 -22.59 -20.85 31.30
C LYS B 57 -23.75 -20.19 30.59
N ARG B 58 -24.65 -19.57 31.37
CA ARG B 58 -25.79 -18.84 30.81
C ARG B 58 -25.30 -17.66 29.97
N ILE B 59 -24.23 -17.02 30.41
CA ILE B 59 -23.69 -15.86 29.70
C ILE B 59 -23.05 -16.24 28.38
N LEU B 60 -22.29 -17.34 28.40
CA LEU B 60 -21.70 -17.84 27.18
C LEU B 60 -22.75 -18.19 26.14
N ASP B 61 -23.83 -18.81 26.60
CA ASP B 61 -24.92 -19.20 25.73
C ASP B 61 -25.57 -17.95 25.11
N LYS B 62 -25.81 -16.94 25.94
CA LYS B 62 -26.36 -15.66 25.47
C LYS B 62 -25.44 -14.98 24.44
N GLU B 63 -24.14 -14.97 24.70
CA GLU B 63 -23.20 -14.38 23.74
C GLU B 63 -23.17 -15.18 22.44
N GLY B 64 -23.19 -16.50 22.55
CA GLY B 64 -23.19 -17.36 21.38
C GLY B 64 -24.40 -17.15 20.49
N GLU B 65 -25.58 -17.01 21.10
CA GLU B 65 -26.81 -16.86 20.33
C GLU B 65 -26.80 -15.55 19.53
N GLN B 66 -26.22 -14.50 20.10
CA GLN B 66 -26.08 -13.23 19.40
C GLN B 66 -25.07 -13.32 18.25
N MET B 67 -23.98 -14.06 18.46
CA MET B 67 -22.99 -14.28 17.42
C MET B 67 -23.54 -15.11 16.27
N LEU B 68 -24.28 -16.18 16.58
CA LEU B 68 -24.89 -17.00 15.53
C LEU B 68 -25.92 -16.20 14.76
N ALA B 69 -26.60 -15.29 15.44
CA ALA B 69 -27.58 -14.41 14.79
C ALA B 69 -26.87 -13.45 13.83
N ALA B 70 -25.67 -13.02 14.18
CA ALA B 70 -24.94 -12.09 13.32
C ALA B 70 -24.29 -12.79 12.11
N ALA B 71 -23.96 -14.06 12.26
CA ALA B 71 -23.34 -14.82 11.17
C ALA B 71 -24.38 -15.22 10.10
N GLY B 72 -25.61 -15.49 10.51
CA GLY B 72 -26.65 -15.82 9.54
C GLY B 72 -26.25 -17.04 8.72
N LYS B 73 -26.31 -16.90 7.40
CA LYS B 73 -26.01 -18.03 6.53
C LYS B 73 -24.60 -17.95 5.96
N ASN B 74 -23.78 -17.13 6.60
CA ASN B 74 -22.36 -17.01 6.26
C ASN B 74 -21.58 -18.29 6.49
N ARG B 75 -20.46 -18.41 5.80
CA ARG B 75 -19.45 -19.37 6.22
C ARG B 75 -19.07 -19.01 7.66
N ILE B 76 -19.01 -20.00 8.54
CA ILE B 76 -18.58 -19.72 9.91
C ILE B 76 -17.23 -20.33 10.19
N VAL B 77 -16.28 -19.45 10.52
CA VAL B 77 -14.92 -19.80 10.92
C VAL B 77 -14.71 -19.25 12.33
N THR B 78 -14.45 -20.14 13.29
CA THR B 78 -14.13 -19.67 14.62
C THR B 78 -12.61 -19.48 14.78
N LEU B 79 -12.22 -18.43 15.49
CA LEU B 79 -10.85 -18.32 15.98
C LEU B 79 -10.82 -19.09 17.28
N ASP B 80 -10.06 -20.18 17.30
CA ASP B 80 -9.96 -20.98 18.51
C ASP B 80 -8.54 -21.54 18.61
N ILE B 81 -7.96 -21.46 19.82
CA ILE B 81 -6.60 -21.99 20.04
C ILE B 81 -6.44 -23.45 19.51
N PRO B 82 -7.41 -24.35 19.77
CA PRO B 82 -7.25 -25.70 19.18
C PRO B 82 -7.68 -25.87 17.70
N GLY B 83 -7.78 -24.80 16.92
CA GLY B 83 -8.16 -24.92 15.51
C GLY B 83 -6.98 -25.24 14.60
N LYS B 84 -7.17 -25.06 13.30
CA LYS B 84 -6.09 -25.32 12.35
C LYS B 84 -5.01 -24.25 12.44
N PRO B 85 -3.76 -24.68 12.61
CA PRO B 85 -2.60 -23.79 12.63
C PRO B 85 -2.16 -23.38 11.21
N TRP B 86 -3.01 -22.65 10.47
CA TRP B 86 -2.69 -22.35 9.09
C TRP B 86 -1.47 -21.46 9.01
N ASP B 87 -0.54 -21.79 8.12
CA ASP B 87 0.54 -20.86 7.84
C ASP B 87 0.06 -19.86 6.77
N THR B 88 0.92 -18.91 6.42
CA THR B 88 0.45 -17.82 5.57
C THR B 88 0.08 -18.31 4.16
N PRO B 89 0.93 -19.16 3.52
CA PRO B 89 0.43 -19.68 2.24
C PRO B 89 -0.90 -20.41 2.39
N GLN B 90 -1.12 -21.13 3.49
CA GLN B 90 -2.35 -21.91 3.68
C GLN B 90 -3.54 -21.02 3.84
N LEU B 91 -3.35 -19.90 4.51
CA LEU B 91 -4.42 -18.93 4.69
C LEU B 91 -4.81 -18.26 3.38
N ALA B 92 -3.81 -18.01 2.52
CA ALA B 92 -4.07 -17.48 1.19
C ALA B 92 -4.94 -18.45 0.39
N ALA B 93 -4.64 -19.74 0.51
CA ALA B 93 -5.42 -20.79 -0.15
C ALA B 93 -6.87 -20.82 0.36
N GLU B 94 -7.02 -20.75 1.68
CA GLU B 94 -8.33 -20.71 2.31
C GLU B 94 -9.13 -19.50 1.81
N LEU B 95 -8.46 -18.37 1.70
CA LEU B 95 -9.13 -17.17 1.23
C LEU B 95 -9.65 -17.41 -0.19
N GLU B 96 -8.81 -18.03 -1.03
CA GLU B 96 -9.24 -18.39 -2.36
C GLU B 96 -10.44 -19.33 -2.28
N ARG B 97 -10.42 -20.26 -1.32
CA ARG B 97 -11.50 -21.21 -1.14
C ARG B 97 -12.79 -20.46 -0.79
N TRP B 98 -12.66 -19.46 0.08
CA TRP B 98 -13.82 -18.72 0.55
C TRP B 98 -14.41 -17.92 -0.62
N LYS B 99 -13.52 -17.45 -1.49
CA LYS B 99 -13.92 -16.73 -2.69
C LYS B 99 -14.74 -17.61 -3.62
N LEU B 100 -14.23 -18.81 -3.89
CA LEU B 100 -14.92 -19.75 -4.76
C LEU B 100 -16.28 -20.13 -4.17
N ASP B 101 -16.30 -20.36 -2.86
CA ASP B 101 -17.53 -20.61 -2.11
C ASP B 101 -18.53 -19.49 -2.37
N GLY B 102 -18.08 -18.25 -2.20
CA GLY B 102 -18.89 -17.10 -2.54
C GLY B 102 -19.69 -16.49 -1.40
N ARG B 103 -19.90 -17.25 -0.32
CA ARG B 103 -20.60 -16.73 0.84
C ARG B 103 -19.69 -15.80 1.63
N ASP B 104 -20.27 -14.72 2.16
CA ASP B 104 -19.52 -13.89 3.09
C ASP B 104 -19.07 -14.75 4.27
N VAL B 105 -17.99 -14.30 4.92
CA VAL B 105 -17.36 -15.09 5.95
C VAL B 105 -17.48 -14.44 7.31
N SER B 106 -18.06 -15.15 8.27
CA SER B 106 -18.07 -14.69 9.64
C SER B 106 -16.93 -15.34 10.45
N LEU B 107 -16.06 -14.48 10.97
CA LEU B 107 -14.91 -14.92 11.78
C LEU B 107 -15.19 -14.63 13.25
N LEU B 108 -15.43 -15.67 14.03
CA LEU B 108 -15.95 -15.54 15.37
C LEU B 108 -14.84 -15.50 16.42
N ILE B 109 -14.85 -14.47 17.25
CA ILE B 109 -13.89 -14.31 18.33
C ILE B 109 -14.60 -14.25 19.67
N GLY B 110 -14.30 -15.19 20.54
CA GLY B 110 -14.96 -15.25 21.83
C GLY B 110 -14.56 -14.18 22.83
N GLY B 111 -15.36 -14.04 23.87
CA GLY B 111 -15.07 -13.08 24.93
C GLY B 111 -14.20 -13.73 25.99
N PRO B 112 -14.11 -13.10 27.17
CA PRO B 112 -13.23 -13.47 28.28
C PRO B 112 -13.25 -14.96 28.59
N GLU B 113 -14.42 -15.58 28.53
CA GLU B 113 -14.57 -17.00 28.83
C GLU B 113 -14.51 -17.90 27.59
N GLY B 114 -14.32 -17.32 26.41
CA GLY B 114 -14.25 -18.07 25.16
C GLY B 114 -15.54 -18.18 24.38
N LEU B 115 -15.59 -19.14 23.45
CA LEU B 115 -16.75 -19.38 22.59
C LEU B 115 -17.74 -20.38 23.20
N SER B 116 -19.03 -20.15 22.97
CA SER B 116 -20.08 -21.07 23.43
C SER B 116 -20.00 -22.40 22.69
N PRO B 117 -20.47 -23.49 23.32
CA PRO B 117 -20.52 -24.77 22.61
C PRO B 117 -21.29 -24.72 21.27
N ALA B 118 -22.40 -23.99 21.20
CA ALA B 118 -23.15 -23.86 19.95
C ALA B 118 -22.31 -23.22 18.83
N CYS B 119 -21.47 -22.25 19.19
CA CYS B 119 -20.60 -21.62 18.20
C CYS B 119 -19.53 -22.58 17.71
N LYS B 120 -18.99 -23.37 18.62
CA LYS B 120 -18.00 -24.36 18.22
C LYS B 120 -18.65 -25.44 17.37
N ALA B 121 -19.92 -25.74 17.61
CA ALA B 121 -20.62 -26.75 16.82
C ALA B 121 -20.98 -26.25 15.44
N ALA B 122 -21.20 -24.95 15.32
CA ALA B 122 -21.62 -24.35 14.06
C ALA B 122 -20.46 -24.10 13.10
N ALA B 123 -19.25 -24.14 13.63
CA ALA B 123 -18.08 -23.80 12.83
C ALA B 123 -17.94 -24.72 11.63
N GLU B 124 -17.71 -24.14 10.45
CA GLU B 124 -17.37 -24.91 9.26
C GLU B 124 -15.87 -25.17 9.20
N GLN B 125 -15.11 -24.22 9.73
CA GLN B 125 -13.67 -24.34 9.85
C GLN B 125 -13.30 -23.68 11.15
N SER B 126 -12.11 -24.01 11.65
CA SER B 126 -11.62 -23.39 12.86
C SER B 126 -10.15 -23.11 12.71
N TRP B 127 -9.73 -21.97 13.24
CA TRP B 127 -8.44 -21.37 12.88
C TRP B 127 -7.67 -21.01 14.15
N SER B 128 -6.49 -21.58 14.30
CA SER B 128 -5.60 -21.25 15.40
C SER B 128 -4.49 -20.30 14.98
N LEU B 129 -4.46 -19.13 15.58
CA LEU B 129 -3.39 -18.17 15.34
C LEU B 129 -2.07 -18.53 16.03
N SER B 130 -2.15 -19.25 17.14
CA SER B 130 -1.04 -19.38 18.07
C SER B 130 -1.37 -20.49 19.09
N ALA B 131 -0.36 -21.08 19.69
CA ALA B 131 -0.61 -21.92 20.87
C ALA B 131 -0.82 -21.06 22.11
N LEU B 132 -0.43 -19.81 22.06
CA LEU B 132 -0.59 -18.89 23.17
C LEU B 132 -2.01 -18.44 23.41
N THR B 133 -2.29 -18.10 24.66
CA THR B 133 -3.53 -17.50 24.99
C THR B 133 -3.38 -15.99 24.73
N LEU B 134 -4.00 -15.50 23.69
CA LEU B 134 -3.88 -14.12 23.32
C LEU B 134 -5.01 -13.26 23.85
N PRO B 135 -4.75 -11.99 24.12
CA PRO B 135 -5.85 -11.13 24.56
C PRO B 135 -6.69 -10.74 23.34
N HIS B 136 -8.01 -10.70 23.53
CA HIS B 136 -8.97 -10.38 22.47
C HIS B 136 -8.57 -9.20 21.54
N PRO B 137 -8.08 -8.07 22.09
CA PRO B 137 -7.73 -6.98 21.17
C PRO B 137 -6.65 -7.34 20.17
N LEU B 138 -5.61 -8.04 20.62
CA LEU B 138 -4.53 -8.46 19.73
C LEU B 138 -5.00 -9.50 18.73
N VAL B 139 -5.93 -10.36 19.15
CA VAL B 139 -6.52 -11.31 18.20
C VAL B 139 -7.15 -10.53 17.05
N ARG B 140 -7.82 -9.42 17.37
CA ARG B 140 -8.45 -8.62 16.33
C ARG B 140 -7.39 -8.08 15.35
N VAL B 141 -6.27 -7.56 15.88
CA VAL B 141 -5.25 -7.02 15.01
C VAL B 141 -4.59 -8.12 14.17
N LEU B 142 -4.34 -9.26 14.79
CA LEU B 142 -3.68 -10.40 14.10
C LEU B 142 -4.52 -11.00 12.97
N VAL B 143 -5.82 -11.08 13.19
CA VAL B 143 -6.73 -11.49 12.11
C VAL B 143 -6.71 -10.47 10.95
N ALA B 144 -6.81 -9.18 11.26
CA ALA B 144 -6.78 -8.19 10.20
C ALA B 144 -5.51 -8.27 9.36
N GLU B 145 -4.33 -8.34 10.00
CA GLU B 145 -3.06 -8.33 9.27
C GLU B 145 -2.85 -9.60 8.47
N SER B 146 -3.14 -10.75 9.09
CA SER B 146 -2.78 -12.01 8.44
C SER B 146 -3.65 -12.17 7.19
N LEU B 147 -4.91 -11.74 7.28
CA LEU B 147 -5.82 -11.81 6.13
C LEU B 147 -5.43 -10.80 5.06
N TYR B 148 -5.00 -9.63 5.49
CA TYR B 148 -4.47 -8.67 4.53
C TYR B 148 -3.25 -9.22 3.80
N ARG B 149 -2.34 -9.85 4.51
CA ARG B 149 -1.16 -10.43 3.90
C ARG B 149 -1.57 -11.53 2.93
N ALA B 150 -2.54 -12.31 3.34
CA ALA B 150 -3.04 -13.34 2.52
C ALA B 150 -3.66 -12.75 1.26
N TRP B 151 -4.41 -11.68 1.41
CA TRP B 151 -5.04 -11.07 0.28
C TRP B 151 -4.00 -10.60 -0.71
N SER B 152 -2.96 -10.00 -0.20
CA SER B 152 -1.94 -9.47 -1.04
C SER B 152 -1.23 -10.54 -1.85
N ILE B 153 -1.02 -11.69 -1.26
CA ILE B 153 -0.43 -12.80 -1.97
C ILE B 153 -1.31 -13.20 -3.15
N THR B 154 -2.60 -13.24 -2.96
CA THR B 154 -3.51 -13.60 -4.02
C THR B 154 -3.53 -12.61 -5.20
N THR B 155 -3.35 -11.34 -4.91
CA THR B 155 -3.34 -10.30 -5.92
C THR B 155 -1.97 -9.81 -6.33
N ASN B 156 -0.93 -10.46 -5.84
CA ASN B 156 0.43 -10.10 -6.17
C ASN B 156 0.73 -8.68 -5.79
N HIS B 157 0.23 -8.28 -4.66
CA HIS B 157 0.41 -6.97 -4.15
C HIS B 157 1.73 -6.90 -3.43
N PRO B 158 2.35 -5.74 -3.42
CA PRO B 158 3.69 -5.54 -2.89
C PRO B 158 3.93 -5.77 -1.39
N TYR B 159 2.91 -5.70 -0.55
CA TYR B 159 3.12 -5.82 0.89
C TYR B 159 3.73 -7.14 1.35
N HIS B 160 3.28 -8.23 0.79
CA HIS B 160 3.79 -9.53 1.15
C HIS B 160 5.21 -9.85 0.68
N ARG B 161 5.70 -9.23 -0.38
CA ARG B 161 7.04 -9.63 -0.80
C ARG B 161 7.87 -9.20 0.38
N GLU B 162 8.56 -10.12 1.04
CA GLU B 162 9.18 -9.73 2.30
C GLU B 162 10.40 -8.84 2.16
N HIS C 6 16.40 9.64 9.57
CA HIS C 6 16.17 8.25 9.25
C HIS C 6 15.22 8.15 8.07
N HIS C 7 14.76 9.33 7.67
CA HIS C 7 13.77 9.54 6.66
C HIS C 7 14.26 9.23 5.30
N VAL C 8 13.33 8.93 4.40
CA VAL C 8 13.73 8.63 3.05
C VAL C 8 13.34 9.77 2.15
N LYS C 9 14.30 10.22 1.37
CA LYS C 9 14.11 11.27 0.42
C LYS C 9 13.70 10.73 -0.92
N LEU C 10 12.73 11.39 -1.53
CA LEU C 10 12.37 11.11 -2.91
C LEU C 10 13.09 12.15 -3.79
N GLN C 11 13.96 11.67 -4.67
CA GLN C 11 14.77 12.58 -5.48
C GLN C 11 14.51 12.42 -6.99
N LEU C 12 13.85 13.41 -7.58
CA LEU C 12 13.64 13.42 -9.02
C LEU C 12 14.87 13.94 -9.75
N VAL C 13 15.54 13.06 -10.50
CA VAL C 13 16.71 13.44 -11.29
C VAL C 13 16.28 13.49 -12.75
N ALA C 14 16.30 14.68 -13.35
CA ALA C 14 15.64 14.88 -14.64
C ALA C 14 16.46 15.80 -15.55
N VAL C 15 16.47 15.50 -16.85
CA VAL C 15 17.15 16.33 -17.85
C VAL C 15 16.30 17.55 -18.19
N GLY C 16 16.94 18.71 -18.28
CA GLY C 16 16.24 19.95 -18.60
C GLY C 16 16.28 20.91 -17.44
N THR C 17 16.41 22.21 -17.73
CA THR C 17 16.52 23.21 -16.67
C THR C 17 15.54 24.36 -16.87
N LYS C 18 14.87 24.41 -18.01
CA LYS C 18 14.11 25.60 -18.37
C LYS C 18 12.62 25.30 -18.54
N MET C 19 12.00 24.71 -17.52
CA MET C 19 10.57 24.39 -17.55
C MET C 19 9.71 25.65 -17.70
N PRO C 20 8.61 25.54 -18.41
CA PRO C 20 7.64 26.61 -18.55
C PRO C 20 7.04 26.89 -17.21
N ASP C 21 6.59 28.10 -17.01
CA ASP C 21 6.12 28.47 -15.70
C ASP C 21 4.97 27.62 -15.20
N TRP C 22 4.07 27.26 -16.07
CA TRP C 22 2.94 26.52 -15.63
C TRP C 22 3.37 25.18 -15.07
N VAL C 23 4.33 24.57 -15.73
CA VAL C 23 4.86 23.32 -15.29
C VAL C 23 5.55 23.46 -13.95
N GLN C 24 6.31 24.52 -13.78
CA GLN C 24 6.96 24.73 -12.52
C GLN C 24 5.97 24.95 -11.43
N THR C 25 4.91 25.69 -11.69
CA THR C 25 3.93 25.90 -10.67
C THR C 25 3.24 24.62 -10.23
N GLY C 26 2.82 23.81 -11.19
CA GLY C 26 2.13 22.60 -10.88
C GLY C 26 2.99 21.63 -10.13
N PHE C 27 4.23 21.47 -10.56
CA PHE C 27 5.14 20.56 -9.95
C PHE C 27 5.41 20.96 -8.50
N THR C 28 5.62 22.23 -8.31
CA THR C 28 5.90 22.78 -7.01
C THR C 28 4.72 22.62 -6.11
N GLU C 29 3.54 22.78 -6.67
CA GLU C 29 2.33 22.66 -5.90
C GLU C 29 2.24 21.30 -5.20
N TYR C 30 2.69 20.22 -5.86
CA TYR C 30 2.69 18.90 -5.22
C TYR C 30 3.95 18.67 -4.38
N LEU C 31 5.11 19.01 -4.94
CA LEU C 31 6.37 18.92 -4.21
C LEU C 31 6.28 19.50 -2.80
N ARG C 32 5.66 20.66 -2.66
CA ARG C 32 5.58 21.35 -1.37
C ARG C 32 4.69 20.60 -0.37
N ARG C 33 3.82 19.74 -0.87
CA ARG C 33 2.84 19.10 -0.01
C ARG C 33 3.43 17.89 0.70
N PHE C 34 4.65 17.51 0.34
CA PHE C 34 5.32 16.37 0.98
C PHE C 34 5.80 16.71 2.40
N PRO C 35 5.58 15.80 3.36
CA PRO C 35 5.95 16.04 4.76
C PRO C 35 7.46 16.05 4.99
N LYS C 36 7.89 16.52 6.16
CA LYS C 36 9.30 16.56 6.49
C LYS C 36 9.90 15.16 6.53
N ASP C 37 9.15 14.19 7.04
CA ASP C 37 9.64 12.82 7.17
C ASP C 37 9.76 12.10 5.83
N MET C 38 9.28 12.72 4.78
CA MET C 38 9.46 12.19 3.44
C MET C 38 9.54 13.30 2.39
N PRO C 39 10.66 13.97 2.34
CA PRO C 39 10.87 15.08 1.42
C PRO C 39 11.05 14.75 -0.05
N PHE C 40 10.52 15.59 -0.91
CA PHE C 40 10.63 15.42 -2.32
C PHE C 40 11.52 16.52 -2.87
N GLU C 41 12.56 16.14 -3.60
CA GLU C 41 13.45 17.11 -4.19
C GLU C 41 13.75 16.85 -5.67
N LEU C 42 14.11 17.91 -6.38
CA LEU C 42 14.45 17.90 -7.80
C LEU C 42 15.90 18.22 -8.09
N ILE C 43 16.54 17.38 -8.89
CA ILE C 43 17.86 17.66 -9.40
C ILE C 43 17.71 17.72 -10.89
N GLU C 44 18.11 18.82 -11.48
CA GLU C 44 18.00 19.05 -12.89
C GLU C 44 19.36 18.97 -13.56
N ILE C 45 19.47 18.13 -14.56
CA ILE C 45 20.67 18.05 -15.38
C ILE C 45 20.48 18.80 -16.70
N PRO C 46 21.41 19.72 -17.03
CA PRO C 46 21.31 20.44 -18.30
C PRO C 46 21.14 19.50 -19.48
N ALA C 47 20.29 19.87 -20.43
CA ALA C 47 20.11 19.09 -21.66
C ALA C 47 21.24 19.31 -22.69
N GLY C 48 21.62 18.24 -23.38
CA GLY C 48 22.63 18.31 -24.40
C GLY C 48 22.27 19.06 -25.66
N LYS C 49 23.29 19.52 -26.40
CA LYS C 49 23.08 20.28 -27.61
C LYS C 49 22.35 19.45 -28.61
N ARG C 50 21.23 19.93 -29.10
CA ARG C 50 20.48 19.15 -30.04
C ARG C 50 20.45 19.82 -31.38
N GLY C 51 20.76 19.07 -32.42
CA GLY C 51 20.71 19.64 -33.74
C GLY C 51 21.89 19.20 -34.54
N LYS C 52 22.23 19.97 -35.56
CA LYS C 52 23.41 19.68 -36.36
C LYS C 52 23.52 18.23 -36.90
N ASN C 53 24.70 17.64 -36.71
CA ASN C 53 25.02 16.32 -37.22
C ASN C 53 25.57 15.23 -36.28
N ALA C 54 24.91 14.07 -36.26
CA ALA C 54 25.38 12.85 -35.59
C ALA C 54 26.06 12.99 -34.23
N ASP C 55 25.41 13.66 -33.30
CA ASP C 55 26.02 13.85 -32.01
C ASP C 55 25.26 13.19 -30.84
N ILE C 56 24.20 12.47 -31.15
CA ILE C 56 23.33 12.00 -30.09
C ILE C 56 23.93 11.11 -29.05
N LYS C 57 24.78 10.18 -29.45
CA LYS C 57 25.27 9.26 -28.46
C LYS C 57 26.04 9.90 -27.37
N ARG C 58 26.96 10.80 -27.71
CA ARG C 58 27.74 11.41 -26.65
C ARG C 58 26.87 12.21 -25.70
N ILE C 59 25.92 12.96 -26.25
CA ILE C 59 25.09 13.79 -25.41
C ILE C 59 24.29 12.94 -24.47
N LEU C 60 23.72 11.85 -24.93
CA LEU C 60 22.94 11.00 -24.05
C LEU C 60 23.80 10.43 -22.95
N ASP C 61 24.97 9.97 -23.35
CA ASP C 61 25.90 9.36 -22.41
C ASP C 61 26.34 10.37 -21.38
N LYS C 62 26.59 11.59 -21.80
CA LYS C 62 26.99 12.66 -20.92
C LYS C 62 25.85 12.98 -19.95
N GLU C 63 24.63 12.97 -20.49
CA GLU C 63 23.46 13.21 -19.68
C GLU C 63 23.30 12.10 -18.66
N GLY C 64 23.49 10.89 -19.09
CA GLY C 64 23.32 9.75 -18.20
C GLY C 64 24.38 9.71 -17.12
N GLU C 65 25.59 10.12 -17.46
CA GLU C 65 26.69 10.14 -16.49
C GLU C 65 26.38 11.10 -15.35
N GLN C 66 25.92 12.30 -15.69
CA GLN C 66 25.59 13.28 -14.67
C GLN C 66 24.45 12.79 -13.77
N MET C 67 23.43 12.20 -14.39
CA MET C 67 22.28 11.66 -13.66
C MET C 67 22.73 10.61 -12.65
N LEU C 68 23.54 9.66 -13.10
CA LEU C 68 24.07 8.62 -12.23
C LEU C 68 24.99 9.19 -11.14
N ALA C 69 25.72 10.26 -11.46
CA ALA C 69 26.53 10.93 -10.45
C ALA C 69 25.64 11.47 -9.33
N ALA C 70 24.49 12.00 -9.71
CA ALA C 70 23.61 12.67 -8.75
C ALA C 70 22.89 11.67 -7.87
N ALA C 71 22.58 10.51 -8.42
CA ALA C 71 21.86 9.46 -7.69
C ALA C 71 22.76 8.86 -6.61
N GLY C 72 24.01 8.58 -6.96
CA GLY C 72 24.95 8.01 -6.01
C GLY C 72 24.61 6.58 -5.63
N LYS C 73 24.44 6.34 -4.33
CA LYS C 73 24.11 5.01 -3.84
C LYS C 73 22.61 4.80 -3.65
N ASN C 74 21.79 5.77 -4.06
CA ASN C 74 20.34 5.67 -3.97
C ASN C 74 19.76 4.46 -4.69
N ARG C 75 18.56 4.05 -4.30
CA ARG C 75 17.79 3.12 -5.10
C ARG C 75 17.38 3.81 -6.40
N ILE C 76 17.70 3.19 -7.54
CA ILE C 76 17.43 3.81 -8.82
C ILE C 76 16.15 3.26 -9.42
N VAL C 77 15.22 4.16 -9.70
CA VAL C 77 13.98 3.82 -10.35
C VAL C 77 13.84 4.68 -11.60
N THR C 78 13.79 4.04 -12.76
CA THR C 78 13.60 4.79 -13.99
C THR C 78 12.15 4.95 -14.35
N LEU C 79 11.80 6.14 -14.85
CA LEU C 79 10.53 6.35 -15.54
C LEU C 79 10.76 5.96 -16.98
N ASP C 80 9.97 5.03 -17.46
CA ASP C 80 10.20 4.48 -18.79
C ASP C 80 8.94 3.79 -19.26
N ILE C 81 8.50 4.11 -20.47
CA ILE C 81 7.33 3.51 -21.10
C ILE C 81 7.24 1.98 -20.95
N PRO C 82 8.37 1.25 -21.14
CA PRO C 82 8.27 -0.21 -20.93
C PRO C 82 8.43 -0.67 -19.48
N GLY C 83 8.42 0.24 -18.51
CA GLY C 83 8.49 -0.15 -17.12
C GLY C 83 7.21 -0.80 -16.61
N LYS C 84 7.13 -1.10 -15.32
CA LYS C 84 5.91 -1.67 -14.77
C LYS C 84 4.78 -0.62 -14.70
N PRO C 85 3.59 -0.97 -15.19
CA PRO C 85 2.44 -0.06 -15.12
C PRO C 85 1.74 -0.06 -13.77
N TRP C 86 2.35 0.53 -12.75
CA TRP C 86 1.79 0.49 -11.41
C TRP C 86 0.46 1.25 -11.31
N ASP C 87 -0.54 0.68 -10.64
CA ASP C 87 -1.71 1.48 -10.30
C ASP C 87 -1.44 2.19 -8.98
N THR C 88 -2.40 2.96 -8.52
CA THR C 88 -2.12 3.82 -7.37
C THR C 88 -1.97 3.01 -6.04
N PRO C 89 -2.86 2.02 -5.78
CA PRO C 89 -2.59 1.19 -4.59
C PRO C 89 -1.24 0.50 -4.64
N GLN C 90 -0.85 0.01 -5.83
CA GLN C 90 0.46 -0.62 -5.97
C GLN C 90 1.59 0.36 -5.68
N LEU C 91 1.49 1.55 -6.24
CA LEU C 91 2.52 2.56 -6.04
C LEU C 91 2.65 2.86 -4.54
N ALA C 92 1.53 2.90 -3.84
CA ALA C 92 1.57 3.23 -2.43
C ALA C 92 2.29 2.12 -1.66
N ALA C 93 2.09 0.89 -2.10
CA ALA C 93 2.76 -0.23 -1.42
C ALA C 93 4.25 -0.18 -1.75
N GLU C 94 4.59 0.07 -3.01
CA GLU C 94 5.99 0.25 -3.39
C GLU C 94 6.65 1.32 -2.55
N LEU C 95 5.97 2.46 -2.38
CA LEU C 95 6.50 3.54 -1.55
C LEU C 95 6.77 3.06 -0.12
N GLU C 96 5.86 2.26 0.43
CA GLU C 96 6.06 1.72 1.78
C GLU C 96 7.28 0.81 1.83
N ARG C 97 7.47 -0.01 0.79
CA ARG C 97 8.67 -0.84 0.65
C ARG C 97 9.95 0.02 0.64
N TRP C 98 9.93 1.10 -0.14
CA TRP C 98 11.10 1.96 -0.24
C TRP C 98 11.44 2.53 1.13
N LYS C 99 10.42 3.03 1.82
CA LYS C 99 10.57 3.62 3.14
C LYS C 99 11.18 2.63 4.12
N LEU C 100 10.80 1.36 3.98
CA LEU C 100 11.29 0.34 4.89
C LEU C 100 12.74 0.00 4.57
N ASP C 101 13.10 0.06 3.30
CA ASP C 101 14.47 -0.22 2.91
C ASP C 101 15.45 0.80 3.49
N GLY C 102 15.09 2.07 3.45
CA GLY C 102 15.87 3.08 4.13
C GLY C 102 16.79 3.91 3.24
N ARG C 103 17.04 3.44 2.03
CA ARG C 103 17.83 4.24 1.09
C ARG C 103 16.96 5.34 0.47
N ASP C 104 17.58 6.49 0.25
CA ASP C 104 16.94 7.54 -0.55
C ASP C 104 16.64 6.98 -1.94
N VAL C 105 15.61 7.52 -2.59
CA VAL C 105 15.24 7.05 -3.92
C VAL C 105 15.49 8.11 -4.98
N SER C 106 16.19 7.71 -6.04
CA SER C 106 16.36 8.57 -7.20
C SER C 106 15.46 8.09 -8.33
N LEU C 107 14.58 8.98 -8.77
CA LEU C 107 13.70 8.71 -9.91
C LEU C 107 14.21 9.43 -11.17
N LEU C 108 14.51 8.68 -12.21
CA LEU C 108 15.24 9.22 -13.36
C LEU C 108 14.32 9.51 -14.52
N ILE C 109 14.33 10.76 -14.99
CA ILE C 109 13.55 11.12 -16.18
C ILE C 109 14.50 11.58 -17.29
N GLY C 110 14.40 10.92 -18.43
CA GLY C 110 15.26 11.22 -19.56
C GLY C 110 14.92 12.51 -20.28
N GLY C 111 15.85 12.96 -21.12
CA GLY C 111 15.57 14.03 -22.04
C GLY C 111 14.82 13.55 -23.27
N PRO C 112 14.68 14.42 -24.29
CA PRO C 112 13.86 14.16 -25.47
C PRO C 112 14.27 12.90 -26.20
N GLU C 113 15.54 12.53 -26.06
CA GLU C 113 16.08 11.31 -26.65
C GLU C 113 15.88 10.08 -25.75
N GLY C 114 15.24 10.24 -24.61
CA GLY C 114 15.05 9.13 -23.68
C GLY C 114 16.25 8.92 -22.77
N LEU C 115 16.26 7.78 -22.07
CA LEU C 115 17.35 7.47 -21.13
C LEU C 115 18.54 6.80 -21.79
N SER C 116 19.73 7.05 -21.23
CA SER C 116 20.96 6.42 -21.73
C SER C 116 21.00 4.96 -21.29
N PRO C 117 21.70 4.11 -22.05
CA PRO C 117 21.77 2.68 -21.68
C PRO C 117 22.30 2.45 -20.25
N ALA C 118 23.29 3.25 -19.82
CA ALA C 118 23.83 3.10 -18.48
C ALA C 118 22.77 3.36 -17.41
N CYS C 119 21.91 4.34 -17.67
CA CYS C 119 20.82 4.67 -16.75
C CYS C 119 19.82 3.53 -16.64
N LYS C 120 19.50 2.93 -17.79
CA LYS C 120 18.54 1.85 -17.84
C LYS C 120 19.12 0.63 -17.15
N ALA C 121 20.39 0.37 -17.45
CA ALA C 121 21.12 -0.74 -16.86
C ALA C 121 21.24 -0.59 -15.35
N ALA C 122 21.27 0.65 -14.87
CA ALA C 122 21.48 0.91 -13.45
C ALA C 122 20.20 0.69 -12.65
N ALA C 123 19.07 0.85 -13.33
CA ALA C 123 17.76 0.83 -12.70
C ALA C 123 17.52 -0.41 -11.84
N GLU C 124 17.03 -0.18 -10.63
CA GLU C 124 16.66 -1.31 -9.77
C GLU C 124 15.20 -1.67 -10.04
N GLN C 125 14.40 -0.64 -10.28
CA GLN C 125 13.01 -0.78 -10.72
C GLN C 125 12.73 0.18 -11.87
N SER C 126 11.74 -0.17 -12.68
CA SER C 126 11.35 0.69 -13.80
C SER C 126 9.85 0.86 -13.80
N TRP C 127 9.42 2.09 -14.02
CA TRP C 127 8.05 2.52 -13.77
C TRP C 127 7.46 3.17 -15.01
N SER C 128 6.40 2.59 -15.54
CA SER C 128 5.69 3.16 -16.68
C SER C 128 4.44 3.94 -16.25
N LEU C 129 4.39 5.24 -16.58
CA LEU C 129 3.23 6.08 -16.28
C LEU C 129 2.06 5.86 -17.23
N SER C 130 2.35 5.37 -18.44
CA SER C 130 1.39 5.45 -19.55
C SER C 130 1.92 4.69 -20.74
N ALA C 131 1.03 4.31 -21.65
CA ALA C 131 1.44 3.71 -22.91
C ALA C 131 1.88 4.83 -23.84
N LEU C 132 1.45 6.04 -23.51
CA LEU C 132 1.67 7.20 -24.38
C LEU C 132 3.10 7.68 -24.25
N THR C 133 3.56 8.36 -25.30
CA THR C 133 4.84 9.03 -25.27
C THR C 133 4.66 10.45 -24.74
N LEU C 134 5.09 10.67 -23.50
CA LEU C 134 4.80 11.92 -22.77
C LEU C 134 5.98 12.88 -22.84
N PRO C 135 5.71 14.19 -22.96
CA PRO C 135 6.79 15.19 -22.94
C PRO C 135 7.40 15.23 -21.55
N HIS C 136 8.71 15.36 -21.43
CA HIS C 136 9.31 15.19 -20.11
C HIS C 136 8.87 16.25 -19.07
N PRO C 137 8.54 17.49 -19.48
CA PRO C 137 8.01 18.37 -18.42
C PRO C 137 6.72 17.86 -17.77
N LEU C 138 5.82 17.27 -18.55
CA LEU C 138 4.62 16.68 -17.95
C LEU C 138 4.94 15.45 -17.11
N VAL C 139 5.98 14.71 -17.46
CA VAL C 139 6.34 13.55 -16.67
C VAL C 139 6.67 14.00 -15.24
N ARG C 140 7.32 15.17 -15.11
CA ARG C 140 7.68 15.68 -13.78
C ARG C 140 6.45 15.90 -12.92
N VAL C 141 5.40 16.45 -13.52
CA VAL C 141 4.18 16.77 -12.78
C VAL C 141 3.50 15.47 -12.38
N LEU C 142 3.43 14.54 -13.31
CA LEU C 142 2.77 13.26 -13.07
C LEU C 142 3.45 12.47 -11.97
N VAL C 143 4.77 12.47 -11.97
CA VAL C 143 5.51 11.81 -10.91
C VAL C 143 5.25 12.46 -9.53
N ALA C 144 5.27 13.78 -9.47
CA ALA C 144 5.08 14.46 -8.19
C ALA C 144 3.65 14.17 -7.65
N GLU C 145 2.65 14.37 -8.50
CA GLU C 145 1.27 14.13 -8.07
C GLU C 145 1.00 12.70 -7.67
N SER C 146 1.50 11.75 -8.47
CA SER C 146 1.08 10.37 -8.25
C SER C 146 1.78 9.82 -7.00
N LEU C 147 3.00 10.29 -6.71
CA LEU C 147 3.65 9.85 -5.47
C LEU C 147 3.00 10.56 -4.27
N TYR C 148 2.61 11.82 -4.45
CA TYR C 148 1.86 12.49 -3.40
C TYR C 148 0.56 11.73 -3.07
N ARG C 149 -0.12 11.25 -4.12
CA ARG C 149 -1.37 10.49 -3.92
C ARG C 149 -1.10 9.16 -3.24
N ALA C 150 -0.05 8.47 -3.67
CA ALA C 150 0.35 7.23 -3.02
C ALA C 150 0.68 7.47 -1.56
N TRP C 151 1.42 8.54 -1.26
CA TRP C 151 1.74 8.87 0.11
C TRP C 151 0.47 9.11 0.94
N SER C 152 -0.51 9.79 0.35
CA SER C 152 -1.73 10.14 1.07
C SER C 152 -2.52 8.89 1.42
N ILE C 153 -2.41 7.85 0.61
CA ILE C 153 -3.05 6.58 0.96
C ILE C 153 -2.36 5.99 2.19
N THR C 154 -1.03 6.08 2.22
CA THR C 154 -0.28 5.47 3.31
C THR C 154 -0.59 6.15 4.63
N THR C 155 -0.83 7.46 4.59
CA THR C 155 -1.10 8.23 5.80
C THR C 155 -2.58 8.52 6.03
N ASN C 156 -3.45 7.98 5.17
CA ASN C 156 -4.89 8.26 5.18
C ASN C 156 -5.25 9.75 5.05
N HIS C 157 -4.43 10.50 4.34
CA HIS C 157 -4.72 11.86 4.04
C HIS C 157 -5.89 11.86 3.06
N PRO C 158 -6.80 12.81 3.18
CA PRO C 158 -8.00 12.79 2.39
C PRO C 158 -7.80 12.99 0.88
N TYR C 159 -6.63 13.39 0.46
CA TYR C 159 -6.40 13.71 -0.95
C TYR C 159 -6.71 12.53 -1.86
N HIS C 160 -6.44 11.32 -1.42
CA HIS C 160 -6.72 10.16 -2.24
C HIS C 160 -8.19 10.07 -2.62
N ARG C 161 -9.02 10.92 -2.05
CA ARG C 161 -10.41 11.05 -2.49
C ARG C 161 -10.61 12.33 -3.33
N GLU C 162 -9.69 13.27 -3.14
CA GLU C 162 -9.57 14.63 -3.66
C GLU C 162 -10.45 15.70 -3.05
N HIS D 6 -14.58 18.28 -45.00
CA HIS D 6 -13.88 17.23 -44.27
C HIS D 6 -13.21 17.65 -42.95
N HIS D 7 -13.92 17.51 -41.83
CA HIS D 7 -13.39 17.86 -40.52
C HIS D 7 -14.23 17.27 -39.37
N VAL D 8 -13.63 17.07 -38.20
CA VAL D 8 -14.40 16.63 -37.06
C VAL D 8 -13.94 17.42 -35.87
N LYS D 9 -14.88 17.85 -35.06
CA LYS D 9 -14.56 18.54 -33.82
C LYS D 9 -14.21 17.55 -32.73
N LEU D 10 -13.21 17.89 -31.92
CA LEU D 10 -12.92 17.15 -30.71
C LEU D 10 -13.47 17.96 -29.55
N GLN D 11 -14.39 17.36 -28.81
CA GLN D 11 -15.09 18.07 -27.76
C GLN D 11 -14.80 17.43 -26.43
N LEU D 12 -14.07 18.14 -25.57
CA LEU D 12 -13.72 17.60 -24.27
C LEU D 12 -14.79 18.04 -23.31
N VAL D 13 -15.58 17.08 -22.87
CA VAL D 13 -16.68 17.35 -21.93
C VAL D 13 -16.20 16.89 -20.55
N ALA D 14 -15.90 17.84 -19.67
CA ALA D 14 -15.26 17.48 -18.41
C ALA D 14 -15.95 18.13 -17.21
N VAL D 15 -16.17 17.34 -16.17
CA VAL D 15 -16.72 17.83 -14.92
C VAL D 15 -15.72 18.78 -14.27
N GLY D 16 -16.24 19.88 -13.75
CA GLY D 16 -15.39 20.81 -13.02
C GLY D 16 -15.27 22.16 -13.68
N THR D 17 -15.36 23.20 -12.87
CA THR D 17 -15.11 24.56 -13.32
C THR D 17 -13.99 25.16 -12.45
N LYS D 18 -13.48 26.32 -12.85
CA LYS D 18 -12.43 27.02 -12.12
C LYS D 18 -11.23 26.10 -11.82
N MET D 19 -10.57 25.63 -12.88
CA MET D 19 -9.32 24.91 -12.72
C MET D 19 -8.27 25.82 -12.10
N PRO D 20 -7.24 25.22 -11.46
CA PRO D 20 -6.11 26.04 -11.01
C PRO D 20 -5.48 26.79 -12.20
N ASP D 21 -4.97 27.98 -11.96
CA ASP D 21 -4.44 28.79 -13.06
C ASP D 21 -3.36 28.04 -13.88
N TRP D 22 -2.47 27.31 -13.22
CA TRP D 22 -1.43 26.57 -13.95
C TRP D 22 -2.01 25.49 -14.85
N VAL D 23 -3.12 24.88 -14.45
CA VAL D 23 -3.80 23.90 -15.31
C VAL D 23 -4.50 24.57 -16.51
N GLN D 24 -5.11 25.74 -16.32
CA GLN D 24 -5.73 26.45 -17.45
C GLN D 24 -4.67 26.90 -18.45
N THR D 25 -3.54 27.35 -17.92
CA THR D 25 -2.44 27.79 -18.76
C THR D 25 -1.92 26.62 -19.58
N GLY D 26 -1.52 25.56 -18.89
CA GLY D 26 -1.08 24.35 -19.55
C GLY D 26 -2.07 23.84 -20.58
N PHE D 27 -3.35 23.74 -20.21
CA PHE D 27 -4.36 23.23 -21.11
C PHE D 27 -4.52 24.13 -22.33
N THR D 28 -4.58 25.42 -22.10
CA THR D 28 -4.71 26.31 -23.23
C THR D 28 -3.49 26.34 -24.13
N GLU D 29 -2.30 26.10 -23.61
CA GLU D 29 -1.16 26.10 -24.50
C GLU D 29 -1.29 25.05 -25.56
N TYR D 30 -1.74 23.86 -25.21
CA TYR D 30 -2.00 22.83 -26.18
C TYR D 30 -3.19 23.10 -27.07
N LEU D 31 -4.26 23.57 -26.48
CA LEU D 31 -5.47 23.79 -27.21
C LEU D 31 -5.22 24.83 -28.30
N ARG D 32 -4.46 25.85 -27.99
CA ARG D 32 -4.15 26.92 -28.92
C ARG D 32 -3.48 26.36 -30.13
N ARG D 33 -2.73 25.29 -29.97
CA ARG D 33 -1.99 24.74 -31.08
C ARG D 33 -2.70 23.81 -31.99
N PHE D 34 -3.92 23.44 -31.69
CA PHE D 34 -4.63 22.51 -32.54
C PHE D 34 -4.87 23.08 -33.92
N PRO D 35 -4.80 22.23 -34.92
CA PRO D 35 -4.98 22.67 -36.30
C PRO D 35 -6.39 23.15 -36.59
N LYS D 36 -6.52 23.88 -37.68
CA LYS D 36 -7.79 24.45 -38.13
C LYS D 36 -8.80 23.35 -38.46
N ASP D 37 -8.33 22.29 -39.09
CA ASP D 37 -9.19 21.23 -39.61
C ASP D 37 -9.68 20.26 -38.54
N MET D 38 -9.10 20.36 -37.35
CA MET D 38 -9.51 19.51 -36.23
C MET D 38 -9.62 20.33 -34.96
N PRO D 39 -10.67 21.16 -34.86
CA PRO D 39 -10.90 22.08 -33.74
C PRO D 39 -11.00 21.35 -32.42
N PHE D 40 -10.25 21.80 -31.41
CA PHE D 40 -10.32 21.25 -30.07
C PHE D 40 -11.06 22.23 -29.15
N GLU D 41 -12.01 21.76 -28.37
CA GLU D 41 -12.81 22.67 -27.52
C GLU D 41 -13.23 22.03 -26.20
N LEU D 42 -13.52 22.88 -25.22
CA LEU D 42 -13.80 22.38 -23.88
C LEU D 42 -15.19 22.77 -23.40
N ILE D 43 -15.94 21.77 -22.95
CA ILE D 43 -17.23 22.00 -22.31
C ILE D 43 -17.10 21.62 -20.84
N GLU D 44 -17.24 22.59 -19.94
CA GLU D 44 -17.13 22.32 -18.52
C GLU D 44 -18.50 22.02 -17.95
N ILE D 45 -18.59 20.96 -17.16
CA ILE D 45 -19.83 20.59 -16.49
C ILE D 45 -19.71 20.85 -14.98
N PRO D 46 -20.64 21.63 -14.40
CA PRO D 46 -20.58 21.88 -12.96
C PRO D 46 -20.52 20.58 -12.14
N ALA D 47 -19.66 20.55 -11.13
CA ALA D 47 -19.56 19.41 -10.24
C ALA D 47 -20.67 19.46 -9.21
N GLY D 48 -21.31 18.32 -8.97
CA GLY D 48 -22.32 18.22 -7.93
C GLY D 48 -21.78 18.49 -6.54
N LYS D 49 -22.65 19.01 -5.67
CA LYS D 49 -22.31 19.28 -4.28
C LYS D 49 -21.96 18.01 -3.54
N ARG D 50 -20.74 17.93 -3.02
CA ARG D 50 -20.29 16.76 -2.30
C ARG D 50 -20.48 16.99 -0.80
N GLY D 51 -19.92 16.11 0.01
CA GLY D 51 -20.00 16.29 1.45
C GLY D 51 -20.78 15.24 2.21
N LYS D 52 -20.83 15.42 3.52
CA LYS D 52 -21.45 14.49 4.45
C LYS D 52 -22.91 14.20 4.12
N ASN D 53 -23.67 15.26 3.84
CA ASN D 53 -25.09 15.13 3.52
C ASN D 53 -25.36 14.46 2.16
N ALA D 54 -24.35 14.39 1.30
CA ALA D 54 -24.54 14.12 -0.13
C ALA D 54 -25.00 12.70 -0.48
N ASP D 55 -25.84 12.63 -1.50
CA ASP D 55 -26.23 11.37 -2.12
C ASP D 55 -25.41 11.19 -3.39
N ILE D 56 -24.34 10.41 -3.30
CA ILE D 56 -23.36 10.31 -4.39
C ILE D 56 -23.95 9.75 -5.69
N LYS D 57 -24.84 8.79 -5.58
CA LYS D 57 -25.58 8.28 -6.74
C LYS D 57 -26.27 9.45 -7.45
N ARG D 58 -27.09 10.18 -6.70
CA ARG D 58 -27.84 11.32 -7.23
C ARG D 58 -26.94 12.38 -7.88
N ILE D 59 -25.83 12.73 -7.24
CA ILE D 59 -24.89 13.71 -7.78
C ILE D 59 -24.28 13.19 -9.06
N LEU D 60 -23.83 11.94 -9.01
CA LEU D 60 -23.15 11.35 -10.16
C LEU D 60 -24.12 11.28 -11.32
N ASP D 61 -25.38 10.95 -11.03
CA ASP D 61 -26.39 10.88 -12.08
C ASP D 61 -26.70 12.25 -12.70
N LYS D 62 -26.76 13.30 -11.87
CA LYS D 62 -27.00 14.65 -12.39
C LYS D 62 -25.80 15.19 -13.20
N GLU D 63 -24.58 14.81 -12.81
CA GLU D 63 -23.40 15.18 -13.60
C GLU D 63 -23.44 14.52 -14.97
N GLY D 64 -23.86 13.25 -14.98
CA GLY D 64 -23.82 12.45 -16.19
C GLY D 64 -24.89 12.91 -17.14
N GLU D 65 -26.04 13.28 -16.59
CA GLU D 65 -27.10 13.80 -17.41
C GLU D 65 -26.63 15.03 -18.18
N GLN D 66 -25.87 15.91 -17.53
CA GLN D 66 -25.37 17.12 -18.18
C GLN D 66 -24.34 16.83 -19.25
N MET D 67 -23.45 15.87 -18.97
CA MET D 67 -22.44 15.48 -19.91
C MET D 67 -23.05 14.93 -21.19
N LEU D 68 -24.07 14.11 -21.04
CA LEU D 68 -24.69 13.49 -22.20
C LEU D 68 -25.46 14.51 -23.02
N ALA D 69 -26.07 15.47 -22.37
CA ALA D 69 -26.81 16.48 -23.10
C ALA D 69 -25.83 17.31 -23.89
N ALA D 70 -24.60 17.41 -23.38
CA ALA D 70 -23.56 18.14 -24.12
C ALA D 70 -23.02 17.30 -25.28
N ALA D 71 -22.97 15.99 -25.11
CA ALA D 71 -22.40 15.08 -26.10
C ALA D 71 -23.28 14.91 -27.33
N GLY D 72 -24.60 14.99 -27.14
CA GLY D 72 -25.55 14.89 -28.22
C GLY D 72 -25.45 13.56 -28.95
N LYS D 73 -25.34 13.63 -30.27
CA LYS D 73 -25.21 12.44 -31.11
C LYS D 73 -23.75 12.16 -31.49
N ASN D 74 -22.82 12.83 -30.83
CA ASN D 74 -21.40 12.61 -31.08
C ASN D 74 -20.99 11.17 -30.81
N ARG D 75 -19.88 10.74 -31.41
CA ARG D 75 -19.18 9.56 -30.92
C ARG D 75 -18.75 9.84 -29.49
N ILE D 76 -19.14 8.97 -28.57
CA ILE D 76 -18.77 9.15 -27.18
C ILE D 76 -17.57 8.30 -26.84
N VAL D 77 -16.49 8.96 -26.42
CA VAL D 77 -15.29 8.27 -25.93
C VAL D 77 -15.02 8.63 -24.49
N THR D 78 -15.04 7.66 -23.58
CA THR D 78 -14.74 7.96 -22.18
C THR D 78 -13.27 7.83 -21.89
N LEU D 79 -12.76 8.76 -21.08
CA LEU D 79 -11.48 8.58 -20.39
C LEU D 79 -11.76 7.79 -19.13
N ASP D 80 -11.22 6.59 -19.05
CA ASP D 80 -11.48 5.80 -17.85
C ASP D 80 -10.29 4.90 -17.60
N ILE D 81 -9.94 4.73 -16.33
CA ILE D 81 -8.77 3.95 -15.95
C ILE D 81 -8.81 2.52 -16.53
N PRO D 82 -9.99 1.87 -16.55
CA PRO D 82 -9.94 0.54 -17.17
C PRO D 82 -10.18 0.54 -18.69
N GLY D 83 -10.07 1.69 -19.34
CA GLY D 83 -10.18 1.71 -20.80
C GLY D 83 -9.01 1.04 -21.51
N LYS D 84 -8.95 1.19 -22.83
CA LYS D 84 -7.82 0.67 -23.61
C LYS D 84 -6.61 1.57 -23.44
N PRO D 85 -5.43 0.98 -23.15
CA PRO D 85 -4.17 1.71 -22.96
C PRO D 85 -3.49 2.02 -24.30
N TRP D 86 -4.06 2.92 -25.07
CA TRP D 86 -3.52 3.29 -26.37
C TRP D 86 -2.10 3.91 -26.27
N ASP D 87 -1.17 3.48 -27.12
CA ASP D 87 0.08 4.23 -27.22
C ASP D 87 -0.15 5.38 -28.19
N THR D 88 0.88 6.19 -28.42
CA THR D 88 0.73 7.36 -29.26
C THR D 88 0.37 7.01 -30.73
N PRO D 89 1.02 5.98 -31.32
CA PRO D 89 0.55 5.56 -32.66
C PRO D 89 -0.89 5.06 -32.71
N GLN D 90 -1.31 4.26 -31.74
CA GLN D 90 -2.69 3.83 -31.71
C GLN D 90 -3.62 5.03 -31.61
N LEU D 91 -3.18 6.08 -30.91
CA LEU D 91 -4.04 7.23 -30.72
C LEU D 91 -4.21 7.98 -32.03
N ALA D 92 -3.12 8.11 -32.79
CA ALA D 92 -3.15 8.75 -34.11
C ALA D 92 -4.03 7.98 -35.10
N ALA D 93 -3.98 6.64 -35.00
CA ALA D 93 -4.86 5.79 -35.79
C ALA D 93 -6.33 6.02 -35.39
N GLU D 94 -6.58 6.21 -34.11
CA GLU D 94 -7.94 6.52 -33.65
C GLU D 94 -8.40 7.88 -34.19
N LEU D 95 -7.49 8.86 -34.21
CA LEU D 95 -7.81 10.14 -34.83
C LEU D 95 -8.29 9.94 -36.25
N GLU D 96 -7.58 9.09 -36.99
CA GLU D 96 -7.96 8.85 -38.39
C GLU D 96 -9.29 8.11 -38.46
N ARG D 97 -9.50 7.15 -37.56
CA ARG D 97 -10.77 6.40 -37.49
C ARG D 97 -11.93 7.38 -37.26
N TRP D 98 -11.73 8.28 -36.32
CA TRP D 98 -12.75 9.28 -36.00
C TRP D 98 -13.04 10.20 -37.18
N LYS D 99 -11.99 10.55 -37.92
CA LYS D 99 -12.13 11.41 -39.09
C LYS D 99 -12.91 10.71 -40.20
N LEU D 100 -12.72 9.40 -40.33
CA LEU D 100 -13.36 8.61 -41.38
C LEU D 100 -14.83 8.41 -41.06
N ASP D 101 -15.14 8.47 -39.77
CA ASP D 101 -16.51 8.37 -39.27
C ASP D 101 -17.29 9.62 -39.69
N GLY D 102 -16.76 10.79 -39.35
CA GLY D 102 -17.40 12.04 -39.73
C GLY D 102 -18.14 12.72 -38.61
N ARG D 103 -18.47 11.97 -37.56
CA ARG D 103 -19.15 12.54 -36.40
C ARG D 103 -18.14 13.29 -35.53
N ASP D 104 -18.60 14.38 -34.91
CA ASP D 104 -17.83 15.01 -33.85
C ASP D 104 -17.64 14.01 -32.72
N VAL D 105 -16.57 14.20 -31.95
CA VAL D 105 -16.18 13.28 -30.91
C VAL D 105 -16.25 14.00 -29.58
N SER D 106 -16.99 13.43 -28.62
CA SER D 106 -16.98 13.92 -27.25
C SER D 106 -16.14 13.03 -26.35
N LEU D 107 -15.13 13.62 -25.71
CA LEU D 107 -14.28 12.88 -24.78
C LEU D 107 -14.72 13.20 -23.37
N LEU D 108 -15.09 12.18 -22.60
CA LEU D 108 -15.70 12.40 -21.30
C LEU D 108 -14.71 12.12 -20.14
N ILE D 109 -14.62 13.08 -19.23
CA ILE D 109 -13.80 13.00 -18.03
C ILE D 109 -14.71 13.24 -16.85
N GLY D 110 -14.75 12.29 -15.92
CA GLY D 110 -15.63 12.41 -14.77
C GLY D 110 -15.10 13.35 -13.70
N GLY D 111 -15.94 13.61 -12.70
CA GLY D 111 -15.53 14.29 -11.51
C GLY D 111 -14.85 13.34 -10.52
N PRO D 112 -14.63 13.78 -9.28
CA PRO D 112 -13.84 12.98 -8.34
C PRO D 112 -14.46 11.60 -8.04
N GLU D 113 -15.79 11.48 -8.13
CA GLU D 113 -16.44 10.20 -7.91
C GLU D 113 -16.44 9.31 -9.16
N GLY D 114 -15.89 9.82 -10.26
CA GLY D 114 -15.79 9.05 -11.48
C GLY D 114 -16.90 9.36 -12.47
N LEU D 115 -16.94 8.62 -13.57
CA LEU D 115 -18.01 8.81 -14.55
C LEU D 115 -19.31 8.18 -14.09
N SER D 116 -20.43 8.73 -14.55
CA SER D 116 -21.73 8.16 -14.17
C SER D 116 -21.98 6.87 -14.92
N PRO D 117 -22.79 5.97 -14.32
CA PRO D 117 -23.16 4.73 -15.01
C PRO D 117 -23.70 5.00 -16.41
N ALA D 118 -24.53 6.03 -16.54
CA ALA D 118 -25.10 6.38 -17.84
C ALA D 118 -24.02 6.78 -18.85
N CYS D 119 -22.93 7.39 -18.39
CA CYS D 119 -21.87 7.77 -19.31
C CYS D 119 -21.01 6.57 -19.71
N LYS D 120 -20.76 5.69 -18.75
CA LYS D 120 -19.86 4.56 -19.00
C LYS D 120 -20.47 3.63 -20.05
N ALA D 121 -21.79 3.57 -20.03
CA ALA D 121 -22.55 2.68 -20.88
C ALA D 121 -22.74 3.27 -22.28
N ALA D 122 -22.88 4.59 -22.32
CA ALA D 122 -23.10 5.29 -23.58
C ALA D 122 -21.83 5.36 -24.43
N ALA D 123 -20.70 5.04 -23.83
CA ALA D 123 -19.42 5.14 -24.49
C ALA D 123 -19.30 4.18 -25.66
N GLU D 124 -18.75 4.64 -26.78
CA GLU D 124 -18.47 3.73 -27.88
C GLU D 124 -17.05 3.19 -27.77
N GLN D 125 -16.15 3.98 -27.22
CA GLN D 125 -14.80 3.52 -26.91
C GLN D 125 -14.37 4.06 -25.56
N SER D 126 -13.41 3.39 -24.94
CA SER D 126 -12.90 3.87 -23.67
C SER D 126 -11.37 3.88 -23.69
N TRP D 127 -10.80 4.97 -23.20
CA TRP D 127 -9.38 5.23 -23.38
C TRP D 127 -8.77 5.37 -21.99
N SER D 128 -7.86 4.47 -21.66
CA SER D 128 -7.08 4.56 -20.42
C SER D 128 -5.77 5.27 -20.63
N LEU D 129 -5.50 6.33 -19.86
CA LEU D 129 -4.22 7.06 -19.90
C LEU D 129 -3.10 6.43 -19.08
N SER D 130 -3.44 5.61 -18.10
CA SER D 130 -2.49 5.15 -17.09
C SER D 130 -3.15 4.09 -16.24
N ALA D 131 -2.37 3.26 -15.55
CA ALA D 131 -2.93 2.41 -14.50
C ALA D 131 -3.24 3.26 -13.26
N LEU D 132 -2.59 4.42 -13.15
CA LEU D 132 -2.76 5.32 -12.01
C LEU D 132 -4.10 6.03 -11.99
N THR D 133 -4.62 6.26 -10.78
CA THR D 133 -5.77 7.14 -10.57
C THR D 133 -5.34 8.59 -10.63
N LEU D 134 -5.66 9.23 -11.74
CA LEU D 134 -5.24 10.62 -11.97
C LEU D 134 -6.30 11.64 -11.56
N PRO D 135 -5.86 12.81 -11.05
CA PRO D 135 -6.85 13.86 -10.73
C PRO D 135 -7.43 14.49 -12.02
N HIS D 136 -8.74 14.68 -12.08
CA HIS D 136 -9.37 15.18 -13.31
C HIS D 136 -8.76 16.50 -13.89
N PRO D 137 -8.28 17.44 -13.06
CA PRO D 137 -7.62 18.59 -13.71
C PRO D 137 -6.44 18.19 -14.60
N LEU D 138 -5.54 17.38 -14.06
CA LEU D 138 -4.40 16.90 -14.84
C LEU D 138 -4.81 16.09 -16.08
N VAL D 139 -5.89 15.34 -15.97
CA VAL D 139 -6.35 14.52 -17.09
C VAL D 139 -6.65 15.40 -18.29
N ARG D 140 -7.19 16.60 -18.03
CA ARG D 140 -7.45 17.56 -19.10
C ARG D 140 -6.18 17.92 -19.87
N VAL D 141 -5.12 18.24 -19.14
CA VAL D 141 -3.87 18.61 -19.78
C VAL D 141 -3.28 17.44 -20.58
N LEU D 142 -3.34 16.25 -20.02
CA LEU D 142 -2.84 15.05 -20.69
C LEU D 142 -3.61 14.74 -21.97
N VAL D 143 -4.94 14.92 -21.94
CA VAL D 143 -5.76 14.65 -23.10
C VAL D 143 -5.40 15.64 -24.21
N ALA D 144 -5.31 16.93 -23.88
CA ALA D 144 -4.97 17.92 -24.89
C ALA D 144 -3.56 17.67 -25.46
N GLU D 145 -2.58 17.36 -24.61
CA GLU D 145 -1.23 17.15 -25.12
C GLU D 145 -1.14 15.89 -25.95
N SER D 146 -1.72 14.80 -25.49
CA SER D 146 -1.48 13.53 -26.17
C SER D 146 -2.19 13.56 -27.53
N LEU D 147 -3.35 14.22 -27.60
CA LEU D 147 -4.05 14.33 -28.87
C LEU D 147 -3.24 15.19 -29.82
N TYR D 148 -2.60 16.22 -29.27
CA TYR D 148 -1.79 17.09 -30.09
C TYR D 148 -0.58 16.34 -30.63
N ARG D 149 0.05 15.56 -29.77
CA ARG D 149 1.22 14.78 -30.17
C ARG D 149 0.83 13.73 -31.21
N ALA D 150 -0.30 13.06 -30.98
CA ALA D 150 -0.80 12.09 -31.95
C ALA D 150 -1.00 12.74 -33.33
N TRP D 151 -1.48 13.98 -33.34
CA TRP D 151 -1.65 14.67 -34.61
C TRP D 151 -0.30 15.01 -35.25
N SER D 152 0.59 15.54 -34.45
CA SER D 152 1.85 15.99 -34.94
C SER D 152 2.65 14.90 -35.60
N ILE D 153 2.43 13.67 -35.20
CA ILE D 153 3.22 12.61 -35.76
C ILE D 153 2.70 12.16 -37.10
N THR D 154 1.75 12.86 -37.64
CA THR D 154 1.33 12.56 -38.99
C THR D 154 2.03 13.50 -39.95
N THR D 155 2.94 14.29 -39.43
CA THR D 155 3.54 15.39 -40.15
C THR D 155 5.00 15.65 -39.85
N ASN D 156 5.51 16.71 -40.42
CA ASN D 156 6.87 17.12 -40.16
C ASN D 156 6.93 18.19 -39.11
N HIS D 157 5.84 18.37 -38.38
CA HIS D 157 5.82 19.35 -37.30
C HIS D 157 6.96 19.11 -36.35
N PRO D 158 7.63 20.18 -35.97
CA PRO D 158 8.78 20.11 -35.08
C PRO D 158 8.49 19.65 -33.65
N TYR D 159 7.23 19.55 -33.25
CA TYR D 159 6.89 19.07 -31.91
C TYR D 159 7.08 17.58 -31.66
N HIS D 160 6.64 16.76 -32.57
CA HIS D 160 6.69 15.33 -32.38
C HIS D 160 8.09 14.74 -32.24
N ARG D 161 9.06 15.29 -32.97
CA ARG D 161 10.45 14.85 -32.92
C ARG D 161 11.02 15.11 -31.55
N GLU D 162 10.67 16.28 -31.01
CA GLU D 162 11.08 16.81 -29.71
C GLU D 162 12.56 16.94 -29.61
N SFG E . 11.64 -15.47 6.73
CA SFG E . 10.24 -15.50 7.18
C SFG E . 9.39 -16.19 6.13
O SFG E . 9.64 -16.03 4.96
OXT SFG E . 8.23 -16.77 6.48
CB SFG E . 9.70 -14.07 7.38
CG SFG E . 10.68 -13.22 8.20
CD SFG E . 9.91 -12.40 9.25
NE SFG E . 8.89 -11.56 8.59
C5' SFG E . 10.90 -11.52 10.03
C4' SFG E . 11.14 -12.09 11.44
O4' SFG E . 9.95 -12.06 12.26
C3' SFG E . 11.55 -13.58 11.35
O3' SFG E . 12.96 -13.71 11.18
C2' SFG E . 11.18 -14.07 12.77
O2' SFG E . 12.26 -13.77 13.66
C1' SFG E . 9.96 -13.20 13.16
N9 SFG E . 8.72 -14.00 13.06
C8 SFG E . 7.76 -13.87 12.08
N7 SFG E . 6.81 -14.72 12.28
C5 SFG E . 7.09 -15.45 13.41
C6 SFG E . 6.43 -16.48 14.10
N6 SFG E . 5.21 -16.96 13.64
N1 SFG E . 6.98 -16.97 15.21
C2 SFG E . 8.15 -16.52 15.65
N3 SFG E . 8.80 -15.55 15.03
C4 SFG E . 8.31 -15.00 13.92
N SFG F . -9.96 -12.95 28.69
CA SFG F . -9.24 -14.02 27.99
C SFG F . -8.10 -14.43 28.86
O SFG F . -7.98 -13.97 29.96
OXT SFG F . -7.05 -14.99 28.29
CB SFG F . -8.75 -13.52 26.63
CG SFG F . -9.03 -14.59 25.57
CD SFG F . -9.84 -14.16 24.34
NE SFG F . -10.92 -13.23 24.65
C5' SFG F . -10.59 -15.41 24.01
C4' SFG F . -10.92 -15.45 22.55
O4' SFG F . -9.80 -15.08 21.77
C3' SFG F . -11.18 -16.93 22.34
O3' SFG F . -12.57 -17.09 22.44
C2' SFG F . -10.72 -17.13 20.89
O2' SFG F . -11.83 -17.05 20.04
C1' SFG F . -9.68 -16.00 20.68
N9 SFG F . -8.34 -16.53 20.77
C8 SFG F . -7.53 -16.41 21.81
N7 SFG F . -6.41 -16.97 21.58
C5 SFG F . -6.45 -17.48 20.33
C6 SFG F . -5.57 -18.16 19.51
N6 SFG F . -4.32 -18.51 19.91
N1 SFG F . -5.97 -18.49 18.32
C2 SFG F . -7.15 -18.20 17.88
N3 SFG F . -7.99 -17.55 18.60
C4 SFG F . -7.68 -17.18 19.80
N SFG G . 12.37 9.49 -26.71
CA SFG G . 11.03 8.91 -26.56
C SFG G . 10.27 8.99 -27.86
O SFG G . 10.36 9.97 -28.56
OXT SFG G . 9.41 8.00 -28.19
CB SFG G . 10.26 9.66 -25.47
CG SFG G . 11.23 10.15 -24.39
CD SFG G . 10.51 11.09 -23.41
NE SFG G . 9.89 12.19 -24.16
C5' SFG G . 11.55 11.64 -22.44
C4' SFG G . 11.45 10.95 -21.08
O4' SFG G . 10.12 10.98 -20.55
C3' SFG G . 11.80 9.46 -21.20
O3' SFG G . 13.21 9.26 -21.10
C2' SFG G . 11.10 8.87 -19.94
O2' SFG G . 12.03 8.87 -18.83
C1' SFG G . 9.88 9.82 -19.72
N9 SFG G . 8.60 9.19 -20.12
C8 SFG G . 7.87 9.56 -21.22
N7 SFG G . 6.80 8.83 -21.33
C5 SFG G . 6.77 7.94 -20.30
C6 SFG G . 5.87 6.93 -19.90
N6 SFG G . 4.73 6.70 -20.65
N1 SFG G . 6.15 6.21 -18.81
C2 SFG G . 7.23 6.45 -18.08
N3 SFG G . 8.10 7.39 -18.42
C4 SFG G . 7.91 8.16 -19.51
N SFG H . -11.85 6.56 -8.41
CA SFG H . -12.40 7.30 -9.55
C SFG H . -12.85 6.32 -10.60
O SFG H . -12.42 5.19 -10.60
OXT SFG H . -13.45 6.78 -11.70
CB SFG H . -11.33 8.21 -10.16
CG SFG H . -12.02 9.46 -10.72
CD SFG H . -10.99 10.31 -11.47
NE SFG H . -10.09 10.85 -10.46
C5' SFG H . -11.73 11.44 -12.20
C4' SFG H . -11.78 11.21 -13.71
O4' SFG H . -10.49 11.31 -14.28
C3' SFG H . -12.21 9.77 -14.02
O3' SFG H . -13.62 9.67 -13.98
C2' SFG H . -11.66 9.58 -15.44
O2' SFG H . -12.57 10.13 -16.40
C1' SFG H . -10.38 10.46 -15.43
N9 SFG H . -9.20 9.61 -15.27
C8 SFG H . -8.47 9.47 -14.13
N7 SFG H . -7.49 8.65 -14.34
C5 SFG H . -7.55 8.20 -15.61
C6 SFG H . -6.77 7.31 -16.36
N6 SFG H . -5.68 6.68 -15.78
N1 SFG H . -7.10 7.09 -17.63
C2 SFG H . -8.14 7.68 -18.18
N3 SFG H . -8.92 8.53 -17.52
C4 SFG H . -8.65 8.79 -16.24
#